data_7DCR
#
_entry.id   7DCR
#
_cell.length_a   1.00
_cell.length_b   1.00
_cell.length_c   1.00
_cell.angle_alpha   90.00
_cell.angle_beta   90.00
_cell.angle_gamma   90.00
#
_symmetry.space_group_name_H-M   'P 1'
#
loop_
_entity.id
_entity.type
_entity.pdbx_description
1 polymer 'PRP2 isoform 1'
2 polymer 'Pre-mRNA-splicing factor SPP2'
#
loop_
_entity_poly.entity_id
_entity_poly.type
_entity_poly.pdbx_seq_one_letter_code
_entity_poly.pdbx_strand_id
1 'polypeptide(L)'
;MSSITSETGKRRVKRTYEVTRQNDNAVRIEPSSLGEEEDKEAKDKNSALQLKRSRYDPNKVFSNTNQGPEKNNLKGEQLG
SQKKSSKYDEKITSNNELTTKKGLLGDSENETKYASSNSKFNVEVTHKIKNAKEIDKINRQRMWEEQQLRNAMAGQSDHP
DDITLEGSDKYDYVFDTDAMIDYTNEEDDLLPEEKLQYEARLAQALETEEKRILTIQEARKLLPVHQYKDELLQEIKKNQ
VLIIMGETGSGKTTQLPQYLVEDGFTDQGKLQIAITQPRRVAATSVAARVADEMNVVLGKEVGYQIRFEDKTTPNKTVLK
YMTDGMLLREFLTDSKLSKYSCIMIDEAHERTLATDILIGLLKDILPQRPTLKLLISSATMNAKKFSEFFDNCPIFNVPG
RRYPVDIHYTLQPEANYIHAAITTIFQIHTTQSLPGDILVFLTGQEEIERTKTKLEEIMSKLGSRTKQMIITPIYANLPQ
EQQLKIFQPTPENCRKVVLATNIAETSLTIDGIRYVIDPGFVKENSYVPSTGMTQLLTVPCSRASVDQRAGRAGRVGPGK
CFRIFTKWSYLHELELMPKPEITRTNLSNTVLLLLSLGVTDLIKFPLMDKPSIPTLRKSLENLYILGALNSKGTITRLGK
MMCEFPCEPEFAKVLYTAATHEQCQGVLEECLTIVSMLHETPSLFIGQKRDAAASVLSEVESDHILYLEIFNQWRNSKFS
RSWCQDHKIQFKTMLRVRNIRNQLFRCSEKVGLVEKNDQARMKIGNIAGYINARITRCFISGFPMNIVQLGPTGYQTMGR
SSGGLNVSVHPTSILFVNHKEKAQRPSKYVLYQQLMLTSKEFIRDCLVIPKEEWLIDMVPQIFKDLIDDKTNRGRR
;
x
2 'polypeptide(L)'
;MSKFSLKLGSKTLKKNISKKTKKKNSLQKANLFDWDDAETASLSHKPQSKIKIQSIDKFDLDEESSSKKKLVIKLSENAD
TKKNDAPLVEYVTEKEYNEVPVEEFGDALLRGMGWESDSEQDSKGDKTQSRNKDVSNVSQIHPDGLGIGAKLNKAINVEE
ASFMPVVKIDKITGTKVDDDKKNKS
;
y
#
# COMPACT_ATOMS: atom_id res chain seq x y z
N THR A 215 19.49 29.45 6.22
CA THR A 215 19.19 28.96 4.87
C THR A 215 18.97 27.45 4.88
N ILE A 216 19.05 26.85 3.69
CA ILE A 216 18.96 25.40 3.57
C ILE A 216 20.34 24.77 3.38
N GLN A 217 21.35 25.55 3.00
CA GLN A 217 22.71 25.05 2.87
C GLN A 217 23.47 25.03 4.18
N GLU A 218 22.93 25.64 5.24
CA GLU A 218 23.60 25.66 6.53
C GLU A 218 22.86 24.89 7.62
N ALA A 219 21.54 24.69 7.48
CA ALA A 219 20.82 23.84 8.41
C ALA A 219 21.03 22.36 8.14
N ARG A 220 21.61 22.02 6.98
CA ARG A 220 22.02 20.64 6.68
C ARG A 220 23.30 20.25 7.40
N LYS A 221 24.10 21.23 7.83
CA LYS A 221 25.32 20.92 8.56
C LYS A 221 25.03 20.47 9.99
N LEU A 222 23.89 20.85 10.54
CA LEU A 222 23.53 20.44 11.90
C LEU A 222 22.91 19.06 11.96
N LEU A 223 22.78 18.37 10.84
CA LEU A 223 22.33 16.98 10.88
C LEU A 223 23.47 16.08 11.36
N PRO A 224 23.15 14.98 12.05
CA PRO A 224 24.21 14.14 12.64
C PRO A 224 25.07 13.37 11.64
N VAL A 225 24.77 13.40 10.34
CA VAL A 225 25.58 12.66 9.38
C VAL A 225 26.77 13.45 8.85
N HIS A 226 26.79 14.77 9.02
CA HIS A 226 27.88 15.56 8.46
C HIS A 226 29.17 15.40 9.24
N GLN A 227 29.09 15.09 10.54
CA GLN A 227 30.29 14.74 11.28
C GLN A 227 30.82 13.38 10.88
N TYR A 228 29.93 12.48 10.43
CA TYR A 228 30.32 11.16 9.95
C TYR A 228 30.45 11.11 8.43
N LYS A 229 30.86 12.21 7.78
CA LYS A 229 30.86 12.24 6.32
C LYS A 229 32.03 11.45 5.76
N ASP A 230 33.26 11.89 6.03
CA ASP A 230 34.44 11.25 5.42
C ASP A 230 34.73 9.89 6.03
N GLU A 231 34.26 9.63 7.25
CA GLU A 231 34.41 8.30 7.84
C GLU A 231 33.54 7.27 7.11
N LEU A 232 32.42 7.71 6.53
CA LEU A 232 31.49 6.81 5.88
C LEU A 232 31.75 6.67 4.39
N LEU A 233 32.26 7.71 3.72
CA LEU A 233 32.63 7.57 2.31
C LEU A 233 33.86 6.69 2.12
N GLN A 234 34.77 6.68 3.08
CA GLN A 234 35.92 5.78 3.00
C GLN A 234 35.52 4.33 3.19
N GLU A 235 34.46 4.07 3.96
CA GLU A 235 34.09 2.70 4.27
C GLU A 235 33.24 2.09 3.17
N ILE A 236 32.43 2.89 2.48
CA ILE A 236 31.67 2.39 1.33
C ILE A 236 32.61 2.06 0.17
N LYS A 237 33.73 2.78 0.05
CA LYS A 237 34.75 2.40 -0.93
C LYS A 237 35.45 1.10 -0.59
N LYS A 238 35.43 0.68 0.68
CA LYS A 238 36.08 -0.56 1.10
C LYS A 238 35.13 -1.75 1.02
N ASN A 239 33.94 -1.61 1.57
CA ASN A 239 32.98 -2.70 1.63
C ASN A 239 32.10 -2.72 0.40
N GLN A 240 31.48 -3.87 0.15
CA GLN A 240 30.44 -3.94 -0.86
C GLN A 240 29.08 -3.62 -0.25
N VAL A 241 28.72 -4.32 0.83
CA VAL A 241 27.50 -4.09 1.56
C VAL A 241 27.86 -3.49 2.92
N LEU A 242 27.21 -2.39 3.27
CA LEU A 242 27.42 -1.75 4.55
C LEU A 242 26.07 -1.41 5.16
N ILE A 243 25.95 -1.59 6.47
CA ILE A 243 24.70 -1.34 7.19
C ILE A 243 24.86 -0.09 8.02
N ILE A 244 24.02 0.91 7.76
CA ILE A 244 24.03 2.16 8.51
C ILE A 244 22.94 2.06 9.57
N MET A 245 23.35 2.20 10.83
CA MET A 245 22.47 1.99 11.97
C MET A 245 22.22 3.31 12.69
N GLY A 246 20.98 3.54 13.08
CA GLY A 246 20.62 4.76 13.77
C GLY A 246 19.14 4.89 14.06
N GLU A 247 18.60 6.10 13.94
CA GLU A 247 17.19 6.36 14.13
C GLU A 247 16.59 6.87 12.83
N THR A 248 15.26 7.02 12.83
CA THR A 248 14.54 7.42 11.63
C THR A 248 14.81 8.88 11.30
N GLY A 249 15.41 9.12 10.14
CA GLY A 249 15.64 10.48 9.67
C GLY A 249 16.67 11.25 10.46
N SER A 250 17.84 10.65 10.65
CA SER A 250 18.95 11.28 11.38
C SER A 250 19.98 11.88 10.43
N GLY A 251 19.52 12.40 9.29
CA GLY A 251 20.37 12.93 8.26
C GLY A 251 20.61 11.98 7.11
N LYS A 252 20.58 10.68 7.37
CA LYS A 252 20.70 9.69 6.31
C LYS A 252 19.41 9.64 5.51
N THR A 253 19.55 9.17 4.26
CA THR A 253 18.57 9.10 3.16
C THR A 253 18.15 10.46 2.63
N THR A 254 18.66 11.55 3.19
CA THR A 254 18.48 12.91 2.69
C THR A 254 19.81 13.55 2.32
N GLN A 255 20.81 13.43 3.20
CA GLN A 255 22.13 13.97 2.96
C GLN A 255 23.11 12.95 2.42
N LEU A 256 23.05 11.70 2.87
CA LEU A 256 24.01 10.68 2.47
C LEU A 256 23.92 10.29 0.99
N PRO A 257 22.74 10.23 0.34
CA PRO A 257 22.76 10.13 -1.14
C PRO A 257 23.34 11.35 -1.84
N GLN A 258 23.35 12.52 -1.20
CA GLN A 258 23.94 13.69 -1.85
C GLN A 258 25.47 13.64 -1.82
N TYR A 259 26.06 12.97 -0.83
CA TYR A 259 27.51 12.86 -0.80
C TYR A 259 28.02 11.85 -1.83
N LEU A 260 27.21 10.83 -2.14
CA LEU A 260 27.61 9.80 -3.09
C LEU A 260 27.66 10.35 -4.51
N VAL A 261 26.80 11.30 -4.83
CA VAL A 261 26.78 11.90 -6.16
C VAL A 261 27.99 12.81 -6.35
N GLU A 262 28.29 13.64 -5.36
CA GLU A 262 29.38 14.59 -5.46
C GLU A 262 30.75 13.91 -5.43
N ASP A 263 30.84 12.76 -4.75
CA ASP A 263 32.10 12.02 -4.71
C ASP A 263 32.42 11.38 -6.06
N GLY A 264 31.40 11.00 -6.82
CA GLY A 264 31.59 10.43 -8.13
C GLY A 264 31.32 8.96 -8.27
N PHE A 265 30.39 8.40 -7.49
CA PHE A 265 30.04 6.99 -7.64
C PHE A 265 29.12 6.73 -8.82
N THR A 266 28.54 7.78 -9.40
CA THR A 266 27.65 7.61 -10.54
C THR A 266 28.40 7.56 -11.87
N ASP A 267 29.65 8.05 -11.89
CA ASP A 267 30.53 8.12 -13.06
C ASP A 267 29.87 8.93 -14.18
N GLN A 268 29.71 10.22 -13.87
CA GLN A 268 29.26 11.27 -14.82
C GLN A 268 27.86 11.02 -15.36
N GLY A 269 26.98 10.52 -14.51
CA GLY A 269 25.60 10.30 -14.89
C GLY A 269 25.32 9.03 -15.66
N LYS A 270 26.34 8.20 -15.90
CA LYS A 270 26.13 6.93 -16.58
C LYS A 270 25.35 5.95 -15.70
N LEU A 271 25.70 5.88 -14.41
CA LEU A 271 25.03 5.01 -13.46
C LEU A 271 24.13 5.85 -12.56
N GLN A 272 23.10 5.21 -12.02
CA GLN A 272 22.13 5.89 -11.17
C GLN A 272 22.25 5.37 -9.74
N ILE A 273 21.52 6.02 -8.84
CA ILE A 273 21.45 5.62 -7.43
C ILE A 273 19.97 5.48 -7.08
N ALA A 274 19.59 4.32 -6.56
CA ALA A 274 18.21 4.04 -6.18
C ALA A 274 18.12 4.03 -4.67
N ILE A 275 17.16 4.78 -4.13
CA ILE A 275 16.90 4.84 -2.69
C ILE A 275 15.50 4.28 -2.48
N THR A 276 15.40 3.28 -1.63
CA THR A 276 14.20 2.44 -1.55
C THR A 276 13.43 2.77 -0.27
N GLN A 277 12.45 3.66 -0.39
CA GLN A 277 11.54 4.00 0.70
C GLN A 277 10.43 2.96 0.81
N PRO A 278 9.90 2.73 2.01
CA PRO A 278 8.86 1.69 2.15
C PRO A 278 7.46 2.12 1.75
N ARG A 279 7.15 3.42 1.78
CA ARG A 279 5.80 3.88 1.54
C ARG A 279 5.74 4.73 0.27
N ARG A 280 4.51 4.89 -0.22
CA ARG A 280 4.24 5.81 -1.32
C ARG A 280 4.46 7.26 -0.90
N VAL A 281 4.04 7.61 0.31
CA VAL A 281 4.11 8.99 0.78
C VAL A 281 5.56 9.39 1.02
N ALA A 282 6.35 8.49 1.62
CA ALA A 282 7.74 8.79 1.95
C ALA A 282 8.65 8.82 0.73
N ALA A 283 8.20 8.30 -0.40
CA ALA A 283 9.04 8.36 -1.59
C ALA A 283 9.00 9.74 -2.24
N THR A 284 7.83 10.36 -2.30
CA THR A 284 7.66 11.63 -2.99
C THR A 284 8.12 12.81 -2.14
N SER A 285 7.78 12.80 -0.85
CA SER A 285 8.05 13.94 0.01
C SER A 285 9.55 14.09 0.26
N VAL A 286 10.24 12.98 0.49
CA VAL A 286 11.68 13.03 0.71
C VAL A 286 12.43 13.37 -0.59
N ALA A 287 11.87 12.97 -1.74
CA ALA A 287 12.49 13.34 -3.02
C ALA A 287 12.29 14.82 -3.33
N ALA A 288 11.16 15.40 -2.88
CA ALA A 288 10.95 16.82 -3.08
C ALA A 288 11.82 17.64 -2.13
N ARG A 289 12.05 17.12 -0.93
CA ARG A 289 12.88 17.82 0.05
C ARG A 289 14.35 17.85 -0.36
N VAL A 290 14.83 16.79 -1.00
CA VAL A 290 16.21 16.76 -1.48
C VAL A 290 16.35 17.63 -2.73
N ALA A 291 15.28 17.73 -3.53
CA ALA A 291 15.31 18.59 -4.71
C ALA A 291 15.39 20.06 -4.34
N ASP A 292 14.91 20.44 -3.15
CA ASP A 292 15.17 21.78 -2.63
C ASP A 292 16.65 21.96 -2.32
N GLU A 293 17.26 20.95 -1.70
CA GLU A 293 18.64 21.06 -1.24
C GLU A 293 19.63 20.96 -2.40
N MET A 294 19.29 20.18 -3.43
CA MET A 294 20.18 19.97 -4.56
C MET A 294 20.23 21.17 -5.49
N ASN A 295 19.26 22.09 -5.38
CA ASN A 295 19.03 23.21 -6.31
C ASN A 295 18.82 22.71 -7.74
N VAL A 296 18.06 21.63 -7.87
CA VAL A 296 17.53 21.17 -9.15
C VAL A 296 16.02 21.23 -9.05
N VAL A 297 15.34 21.17 -10.20
CA VAL A 297 13.93 21.50 -10.27
C VAL A 297 13.09 20.46 -9.54
N LEU A 298 12.92 19.28 -10.16
CA LEU A 298 12.59 17.97 -9.61
C LEU A 298 12.54 17.08 -10.83
N GLY A 299 12.82 15.80 -10.71
CA GLY A 299 12.66 14.92 -11.87
C GLY A 299 13.78 14.95 -12.88
N LYS A 300 14.41 16.12 -13.08
CA LYS A 300 15.52 16.22 -14.02
C LYS A 300 16.78 15.58 -13.45
N GLU A 301 17.22 16.02 -12.27
CA GLU A 301 18.35 15.39 -11.60
C GLU A 301 17.99 14.63 -10.33
N VAL A 302 16.85 14.94 -9.72
CA VAL A 302 16.33 14.17 -8.58
C VAL A 302 14.90 13.79 -8.89
N GLY A 303 14.67 12.51 -9.13
CA GLY A 303 13.35 12.00 -9.48
C GLY A 303 12.76 11.10 -8.42
N TYR A 304 11.64 10.50 -8.78
CA TYR A 304 11.01 9.48 -7.97
C TYR A 304 10.20 8.56 -8.88
N GLN A 305 9.76 7.42 -8.34
CA GLN A 305 9.02 6.42 -9.11
C GLN A 305 7.97 5.77 -8.19
N ILE A 306 6.74 6.23 -8.31
CA ILE A 306 5.58 5.57 -7.72
C ILE A 306 5.17 4.46 -8.70
N ARG A 307 4.26 3.58 -8.25
CA ARG A 307 3.55 2.60 -9.06
C ARG A 307 3.04 3.16 -10.39
N PHE A 308 2.25 4.22 -10.35
CA PHE A 308 1.71 4.79 -11.57
C PHE A 308 2.34 6.11 -11.98
N GLU A 309 3.29 6.63 -11.21
CA GLU A 309 3.95 7.89 -11.54
C GLU A 309 5.44 7.67 -11.71
N ASP A 310 5.99 8.14 -12.82
CA ASP A 310 7.41 8.05 -13.16
C ASP A 310 7.86 9.45 -13.51
N LYS A 311 8.23 10.24 -12.50
CA LYS A 311 8.69 11.60 -12.74
C LYS A 311 10.21 11.63 -12.77
N THR A 312 10.75 10.98 -13.80
CA THR A 312 12.17 11.01 -14.10
C THR A 312 12.36 11.29 -15.58
N THR A 313 13.51 11.82 -15.92
CA THR A 313 13.90 11.83 -17.32
C THR A 313 15.08 10.87 -17.52
N PRO A 314 15.09 10.10 -18.61
CA PRO A 314 16.00 8.92 -18.66
C PRO A 314 17.48 9.26 -18.80
N ASN A 315 17.84 10.38 -19.41
CA ASN A 315 19.24 10.66 -19.68
C ASN A 315 19.84 11.68 -18.71
N LYS A 316 19.08 12.17 -17.74
CA LYS A 316 19.59 13.16 -16.80
C LYS A 316 19.42 12.77 -15.33
N THR A 317 18.53 11.84 -15.01
CA THR A 317 18.26 11.51 -13.61
C THR A 317 19.44 10.75 -13.02
N VAL A 318 20.02 11.30 -11.97
CA VAL A 318 21.18 10.74 -11.30
C VAL A 318 20.81 10.07 -10.00
N LEU A 319 19.94 10.71 -9.22
CA LEU A 319 19.49 10.21 -7.93
C LEU A 319 17.98 10.11 -7.96
N LYS A 320 17.43 8.94 -7.60
CA LYS A 320 15.99 8.72 -7.69
C LYS A 320 15.50 7.95 -6.48
N TYR A 321 14.34 8.35 -5.96
CA TYR A 321 13.82 7.79 -4.71
C TYR A 321 12.54 7.02 -5.06
N MET A 322 12.63 5.72 -5.15
CA MET A 322 11.49 4.90 -5.52
C MET A 322 10.97 4.18 -4.28
N THR A 323 9.97 3.33 -4.49
CA THR A 323 9.39 2.58 -3.40
C THR A 323 10.00 1.18 -3.34
N ASP A 324 9.45 0.33 -2.48
CA ASP A 324 9.96 -1.03 -2.36
C ASP A 324 9.36 -1.96 -3.41
N GLY A 325 8.12 -1.70 -3.84
CA GLY A 325 7.51 -2.51 -4.87
C GLY A 325 8.00 -2.20 -6.28
N MET A 326 8.60 -1.04 -6.49
CA MET A 326 8.98 -0.63 -7.84
C MET A 326 10.44 -0.88 -8.16
N LEU A 327 11.28 -1.14 -7.17
CA LEU A 327 12.58 -1.75 -7.44
C LEU A 327 12.47 -3.26 -7.50
N LEU A 328 11.51 -3.83 -6.79
CA LEU A 328 11.25 -5.26 -6.88
C LEU A 328 10.68 -5.63 -8.25
N ARG A 329 9.93 -4.72 -8.86
CA ARG A 329 9.44 -4.88 -10.22
C ARG A 329 10.54 -4.64 -11.26
N GLU A 330 11.62 -3.97 -10.87
CA GLU A 330 12.70 -3.66 -11.82
C GLU A 330 13.49 -4.91 -12.22
N PHE A 331 13.36 -6.01 -11.47
CA PHE A 331 14.04 -7.25 -11.79
C PHE A 331 13.56 -7.91 -13.07
N LEU A 332 12.37 -7.55 -13.57
CA LEU A 332 11.85 -8.12 -14.80
C LEU A 332 12.66 -7.67 -16.02
N THR A 333 12.70 -6.35 -16.25
CA THR A 333 13.34 -5.80 -17.43
C THR A 333 14.86 -5.85 -17.35
N ASP A 334 15.42 -5.96 -16.14
CA ASP A 334 16.86 -6.08 -15.97
C ASP A 334 17.11 -6.95 -14.75
N SER A 335 17.80 -8.08 -14.94
CA SER A 335 17.97 -9.04 -13.87
C SER A 335 19.09 -8.67 -12.92
N LYS A 336 20.18 -8.11 -13.46
CA LYS A 336 21.36 -7.80 -12.66
C LYS A 336 21.34 -6.37 -12.12
N LEU A 337 20.32 -5.58 -12.48
CA LEU A 337 20.18 -4.16 -12.12
C LEU A 337 21.41 -3.36 -12.56
N SER A 338 21.61 -3.34 -13.88
CA SER A 338 22.83 -2.79 -14.46
C SER A 338 22.83 -1.26 -14.55
N LYS A 339 21.69 -0.61 -14.32
CA LYS A 339 21.65 0.85 -14.37
C LYS A 339 22.14 1.49 -13.08
N TYR A 340 22.30 0.72 -12.01
CA TYR A 340 22.47 1.26 -10.67
C TYR A 340 23.86 0.96 -10.16
N SER A 341 24.52 1.96 -9.57
CA SER A 341 25.80 1.76 -8.92
C SER A 341 25.70 1.67 -7.41
N CYS A 342 24.76 2.38 -6.81
CA CYS A 342 24.47 2.26 -5.39
C CYS A 342 22.98 2.06 -5.20
N ILE A 343 22.62 1.11 -4.34
CA ILE A 343 21.23 0.86 -3.97
C ILE A 343 21.14 0.93 -2.45
N MET A 344 20.29 1.83 -1.95
CA MET A 344 20.07 1.97 -0.52
C MET A 344 18.66 1.56 -0.20
N ILE A 345 18.51 0.59 0.69
CA ILE A 345 17.21 0.24 1.25
C ILE A 345 17.01 1.03 2.53
N ASP A 346 15.95 1.81 2.58
CA ASP A 346 15.58 2.58 3.76
C ASP A 346 14.49 1.84 4.52
N GLU A 347 14.50 2.04 5.85
CA GLU A 347 13.47 1.54 6.77
C GLU A 347 13.35 0.03 6.70
N ALA A 348 14.49 -0.66 6.70
CA ALA A 348 14.51 -2.12 6.63
C ALA A 348 13.98 -2.75 7.92
N HIS A 349 13.95 -2.01 9.01
CA HIS A 349 13.34 -2.49 10.24
C HIS A 349 11.82 -2.51 10.19
N GLU A 350 11.20 -1.89 9.19
CA GLU A 350 9.75 -1.96 9.04
C GLU A 350 9.30 -3.34 8.59
N ARG A 351 10.16 -4.04 7.84
CA ARG A 351 9.96 -5.43 7.38
C ARG A 351 8.71 -5.56 6.51
N THR A 352 8.58 -4.66 5.54
CA THR A 352 7.55 -4.81 4.54
C THR A 352 7.89 -5.96 3.60
N LEU A 353 6.86 -6.48 2.92
CA LEU A 353 7.03 -7.66 2.07
C LEU A 353 7.92 -7.37 0.87
N ALA A 354 7.76 -6.19 0.27
CA ALA A 354 8.58 -5.86 -0.90
C ALA A 354 10.01 -5.47 -0.53
N THR A 355 10.32 -5.34 0.76
CA THR A 355 11.68 -5.13 1.24
C THR A 355 12.34 -6.45 1.64
N ASP A 356 11.57 -7.35 2.25
CA ASP A 356 12.10 -8.64 2.70
C ASP A 356 12.46 -9.53 1.52
N ILE A 357 11.76 -9.39 0.40
CA ILE A 357 12.13 -10.12 -0.81
C ILE A 357 13.31 -9.44 -1.50
N LEU A 358 13.32 -8.12 -1.50
CA LEU A 358 14.31 -7.37 -2.27
C LEU A 358 15.70 -7.46 -1.67
N ILE A 359 15.82 -7.76 -0.37
CA ILE A 359 17.14 -8.08 0.18
C ILE A 359 17.53 -9.51 -0.12
N GLY A 360 16.56 -10.39 -0.39
CA GLY A 360 16.89 -11.75 -0.79
C GLY A 360 17.36 -11.83 -2.23
N LEU A 361 16.74 -11.05 -3.11
CA LEU A 361 17.14 -11.06 -4.51
C LEU A 361 18.46 -10.33 -4.73
N LEU A 362 18.72 -9.27 -3.96
CA LEU A 362 20.00 -8.58 -4.07
C LEU A 362 21.14 -9.43 -3.51
N LYS A 363 20.84 -10.32 -2.56
CA LYS A 363 21.84 -11.24 -2.04
C LYS A 363 22.33 -12.20 -3.12
N ASP A 364 21.43 -12.61 -4.02
CA ASP A 364 21.80 -13.56 -5.05
C ASP A 364 22.63 -12.95 -6.18
N ILE A 365 22.59 -11.62 -6.34
CA ILE A 365 23.35 -10.98 -7.40
C ILE A 365 24.60 -10.27 -6.89
N LEU A 366 24.90 -10.37 -5.60
CA LEU A 366 26.16 -9.85 -5.09
C LEU A 366 27.41 -10.54 -5.63
N PRO A 367 27.50 -11.89 -5.80
CA PRO A 367 28.73 -12.44 -6.39
C PRO A 367 28.93 -12.12 -7.85
N GLN A 368 27.87 -11.75 -8.58
CA GLN A 368 27.99 -11.56 -10.02
C GLN A 368 28.31 -10.13 -10.42
N ARG A 369 28.01 -9.15 -9.58
CA ARG A 369 28.42 -7.77 -9.82
C ARG A 369 29.12 -7.21 -8.59
N PRO A 370 30.47 -7.13 -8.60
CA PRO A 370 31.18 -6.52 -7.48
C PRO A 370 31.18 -5.00 -7.50
N THR A 371 30.82 -4.38 -8.62
CA THR A 371 30.81 -2.92 -8.71
C THR A 371 29.62 -2.30 -7.98
N LEU A 372 28.55 -3.05 -7.77
CA LEU A 372 27.41 -2.56 -6.99
C LEU A 372 27.82 -2.37 -5.54
N LYS A 373 27.28 -1.34 -4.92
CA LYS A 373 27.46 -1.09 -3.49
C LYS A 373 26.08 -0.99 -2.84
N LEU A 374 25.88 -1.76 -1.79
CA LEU A 374 24.59 -1.89 -1.14
C LEU A 374 24.63 -1.24 0.23
N LEU A 375 23.56 -0.53 0.59
CA LEU A 375 23.46 0.17 1.85
C LEU A 375 22.10 -0.14 2.47
N ILE A 376 22.08 -0.45 3.76
CA ILE A 376 20.86 -0.75 4.47
C ILE A 376 20.74 0.17 5.67
N SER A 377 19.64 0.91 5.74
CA SER A 377 19.31 1.77 6.87
C SER A 377 18.27 1.07 7.73
N SER A 378 18.58 0.87 9.01
CA SER A 378 17.66 0.24 9.93
C SER A 378 17.86 0.83 11.32
N ALA A 379 17.06 0.36 12.27
CA ALA A 379 17.12 0.86 13.63
C ALA A 379 18.30 0.24 14.38
N THR A 380 18.40 0.56 15.68
CA THR A 380 19.47 0.05 16.52
C THR A 380 19.11 -1.25 17.21
N MET A 381 18.14 -1.97 16.69
CA MET A 381 17.72 -3.23 17.28
C MET A 381 17.72 -4.38 16.28
N ASN A 382 17.33 -4.11 15.03
CA ASN A 382 17.29 -5.13 13.99
C ASN A 382 18.56 -5.19 13.17
N ALA A 383 19.49 -4.24 13.34
CA ALA A 383 20.63 -4.11 12.45
C ALA A 383 21.66 -5.22 12.60
N LYS A 384 21.59 -6.02 13.64
CA LYS A 384 22.51 -7.15 13.75
C LYS A 384 22.02 -8.34 12.94
N LYS A 385 20.70 -8.52 12.85
CA LYS A 385 20.13 -9.60 12.06
C LYS A 385 20.37 -9.41 10.57
N PHE A 386 20.44 -8.16 10.11
CA PHE A 386 20.81 -7.93 8.72
C PHE A 386 22.30 -8.18 8.49
N SER A 387 23.11 -8.04 9.55
CA SER A 387 24.53 -8.35 9.43
C SER A 387 24.76 -9.86 9.40
N GLU A 388 24.00 -10.61 10.19
CA GLU A 388 24.07 -12.07 10.14
C GLU A 388 23.56 -12.61 8.82
N PHE A 389 22.68 -11.86 8.14
CA PHE A 389 22.11 -12.30 6.88
C PHE A 389 23.08 -12.13 5.72
N PHE A 390 23.90 -11.09 5.73
CA PHE A 390 24.85 -10.80 4.65
C PHE A 390 26.28 -11.21 5.01
N ASP A 391 26.41 -12.34 5.73
CA ASP A 391 27.68 -13.01 6.02
C ASP A 391 28.62 -12.11 6.83
N ASN A 392 28.15 -11.76 8.03
CA ASN A 392 28.85 -10.91 9.00
C ASN A 392 29.20 -9.54 8.40
N CYS A 393 28.15 -8.81 8.05
CA CYS A 393 28.29 -7.51 7.43
C CYS A 393 28.73 -6.48 8.47
N PRO A 394 29.60 -5.54 8.12
CA PRO A 394 29.97 -4.48 9.07
C PRO A 394 28.84 -3.49 9.28
N ILE A 395 28.62 -3.13 10.54
CA ILE A 395 27.56 -2.21 10.94
C ILE A 395 28.20 -0.87 11.24
N PHE A 396 27.90 0.14 10.43
CA PHE A 396 28.27 1.52 10.75
C PHE A 396 27.14 2.17 11.53
N ASN A 397 27.50 3.04 12.46
CA ASN A 397 26.54 3.61 13.40
C ASN A 397 26.52 5.12 13.23
N VAL A 398 25.33 5.66 12.96
CA VAL A 398 25.08 7.10 12.95
C VAL A 398 24.06 7.41 14.02
N PRO A 399 24.51 7.81 15.21
CA PRO A 399 23.55 8.17 16.26
C PRO A 399 22.99 9.56 16.04
N GLY A 400 21.84 9.80 16.66
CA GLY A 400 21.23 11.11 16.67
C GLY A 400 21.44 11.82 18.00
N ARG A 401 21.01 13.08 18.03
CA ARG A 401 21.07 13.86 19.27
C ARG A 401 19.84 13.48 20.08
N ARG A 402 20.00 12.47 20.93
CA ARG A 402 18.91 11.99 21.77
C ARG A 402 18.69 12.97 22.92
N TYR A 403 17.64 13.72 22.84
CA TYR A 403 17.19 14.57 23.92
C TYR A 403 16.14 13.82 24.75
N PRO A 404 16.06 14.07 26.05
CA PRO A 404 15.09 13.33 26.88
C PRO A 404 13.67 13.77 26.61
N VAL A 405 12.78 12.80 26.45
CA VAL A 405 11.35 13.04 26.26
C VAL A 405 10.63 12.56 27.51
N ASP A 406 9.69 13.36 27.99
CA ASP A 406 8.95 13.04 29.21
C ASP A 406 7.65 12.36 28.81
N ILE A 407 7.58 11.06 29.03
CA ILE A 407 6.50 10.23 28.52
C ILE A 407 5.37 10.19 29.53
N HIS A 408 4.17 10.55 29.10
CA HIS A 408 3.00 10.59 29.95
C HIS A 408 2.03 9.47 29.59
N TYR A 409 1.37 8.93 30.59
CA TYR A 409 0.35 7.91 30.41
C TYR A 409 -0.95 8.37 31.06
N THR A 410 -2.07 7.90 30.54
CA THR A 410 -3.34 8.24 31.16
C THR A 410 -3.59 7.34 32.37
N LEU A 411 -4.63 7.68 33.13
CA LEU A 411 -4.88 7.01 34.39
C LEU A 411 -5.85 5.85 34.26
N GLN A 412 -6.71 5.86 33.26
CA GLN A 412 -7.74 4.86 33.06
C GLN A 412 -7.71 4.39 31.62
N PRO A 413 -8.30 3.22 31.33
CA PRO A 413 -8.56 2.87 29.92
C PRO A 413 -9.56 3.84 29.31
N GLU A 414 -9.17 4.46 28.21
CA GLU A 414 -9.94 5.54 27.61
C GLU A 414 -11.16 4.99 26.86
N ALA A 415 -12.26 5.75 26.94
CA ALA A 415 -13.47 5.36 26.25
C ALA A 415 -13.43 5.71 24.77
N ASN A 416 -12.61 6.69 24.39
CA ASN A 416 -12.42 7.06 22.99
C ASN A 416 -11.02 7.65 22.83
N TYR A 417 -10.33 7.27 21.76
CA TYR A 417 -8.99 7.76 21.52
C TYR A 417 -8.96 8.91 20.54
N ILE A 418 -10.10 9.35 20.03
CA ILE A 418 -10.16 10.56 19.23
C ILE A 418 -10.55 11.75 20.09
N HIS A 419 -11.57 11.58 20.92
CA HIS A 419 -12.00 12.65 21.83
C HIS A 419 -10.92 12.96 22.87
N ALA A 420 -10.14 11.95 23.27
CA ALA A 420 -9.01 12.20 24.16
C ALA A 420 -7.85 12.84 23.42
N ALA A 421 -7.73 12.60 22.11
CA ALA A 421 -6.65 13.19 21.35
C ALA A 421 -6.94 14.62 20.91
N ILE A 422 -8.21 15.00 20.81
CA ILE A 422 -8.55 16.39 20.50
C ILE A 422 -8.42 17.25 21.75
N THR A 423 -8.83 16.73 22.90
CA THR A 423 -8.69 17.43 24.17
C THR A 423 -7.22 17.61 24.55
N THR A 424 -6.35 16.67 24.14
CA THR A 424 -4.94 16.77 24.48
C THR A 424 -4.26 17.89 23.72
N ILE A 425 -4.66 18.13 22.46
CA ILE A 425 -4.07 19.19 21.66
C ILE A 425 -4.44 20.56 22.24
N PHE A 426 -5.64 20.69 22.81
CA PHE A 426 -6.09 21.98 23.33
C PHE A 426 -5.36 22.34 24.62
N GLN A 427 -5.15 21.37 25.51
CA GLN A 427 -4.44 21.67 26.75
C GLN A 427 -2.94 21.83 26.54
N ILE A 428 -2.41 21.40 25.40
CA ILE A 428 -1.05 21.77 25.02
C ILE A 428 -1.04 23.16 24.40
N HIS A 429 -2.09 23.51 23.64
CA HIS A 429 -2.11 24.78 22.93
C HIS A 429 -2.34 25.94 23.88
N THR A 430 -3.28 25.81 24.81
CA THR A 430 -3.62 26.91 25.69
C THR A 430 -2.60 27.07 26.81
N THR A 431 -2.23 25.98 27.47
CA THR A 431 -1.45 26.04 28.71
C THR A 431 0.02 25.74 28.49
N GLN A 432 0.58 26.17 27.36
CA GLN A 432 2.02 26.01 27.10
C GLN A 432 2.43 27.08 26.10
N SER A 433 3.67 27.53 26.20
CA SER A 433 4.18 28.63 25.41
C SER A 433 4.92 28.16 24.16
N LEU A 434 5.03 29.06 23.20
CA LEU A 434 5.81 28.84 21.99
C LEU A 434 7.30 28.93 22.30
N PRO A 435 8.18 28.37 21.44
CA PRO A 435 8.05 27.54 20.23
C PRO A 435 8.02 26.03 20.48
N GLY A 436 6.92 25.41 20.10
CA GLY A 436 6.81 23.96 20.09
C GLY A 436 5.69 23.51 19.19
N ASP A 437 5.98 22.62 18.24
CA ASP A 437 4.99 22.18 17.28
C ASP A 437 4.50 20.78 17.64
N ILE A 438 3.23 20.53 17.40
CA ILE A 438 2.55 19.31 17.82
C ILE A 438 2.56 18.30 16.67
N LEU A 439 2.72 17.02 17.01
CA LEU A 439 2.58 15.92 16.06
C LEU A 439 1.61 14.88 16.63
N VAL A 440 0.69 14.41 15.79
CA VAL A 440 -0.31 13.41 16.17
C VAL A 440 -0.24 12.27 15.18
N PHE A 441 -0.18 11.04 15.69
CA PHE A 441 -0.15 9.84 14.85
C PHE A 441 -1.55 9.24 14.82
N LEU A 442 -2.18 9.25 13.64
CA LEU A 442 -3.50 8.70 13.46
C LEU A 442 -3.45 7.56 12.46
N THR A 443 -4.50 6.75 12.46
CA THR A 443 -4.42 5.43 11.84
C THR A 443 -4.56 5.49 10.32
N GLY A 444 -5.59 6.18 9.81
CA GLY A 444 -5.82 6.25 8.38
C GLY A 444 -6.22 7.65 7.96
N GLN A 445 -6.43 7.81 6.65
CA GLN A 445 -6.80 9.12 6.12
C GLN A 445 -8.24 9.49 6.45
N GLU A 446 -9.09 8.51 6.75
CA GLU A 446 -10.44 8.84 7.18
C GLU A 446 -10.45 9.30 8.64
N GLU A 447 -9.44 8.91 9.42
CA GLU A 447 -9.30 9.44 10.77
C GLU A 447 -8.61 10.79 10.79
N ILE A 448 -7.76 11.07 9.81
CA ILE A 448 -7.06 12.35 9.78
C ILE A 448 -8.00 13.48 9.37
N GLU A 449 -8.76 13.27 8.30
CA GLU A 449 -9.67 14.32 7.81
C GLU A 449 -10.89 14.49 8.70
N ARG A 450 -11.30 13.45 9.43
CA ARG A 450 -12.30 13.64 10.47
C ARG A 450 -11.74 14.47 11.61
N THR A 451 -10.43 14.38 11.85
CA THR A 451 -9.79 15.14 12.91
C THR A 451 -9.45 16.56 12.46
N LYS A 452 -9.06 16.73 11.18
CA LYS A 452 -8.67 18.06 10.69
C LYS A 452 -9.87 19.00 10.61
N THR A 453 -11.03 18.51 10.19
CA THR A 453 -12.22 19.35 10.13
C THR A 453 -12.74 19.68 11.52
N LYS A 454 -12.68 18.72 12.45
CA LYS A 454 -13.18 18.96 13.79
C LYS A 454 -12.24 19.85 14.60
N LEU A 455 -10.93 19.77 14.35
CA LEU A 455 -10.00 20.77 14.85
C LEU A 455 -10.09 22.11 14.13
N GLU A 456 -10.83 22.18 13.02
CA GLU A 456 -11.09 23.46 12.36
C GLU A 456 -12.38 24.09 12.86
N GLU A 457 -13.35 23.27 13.29
CA GLU A 457 -14.59 23.80 13.82
C GLU A 457 -14.39 24.44 15.20
N ILE A 458 -13.70 23.73 16.09
CA ILE A 458 -13.49 24.24 17.45
C ILE A 458 -12.49 25.38 17.44
N MET A 459 -11.60 25.43 16.44
CA MET A 459 -10.71 26.57 16.28
C MET A 459 -11.48 27.81 15.86
N SER A 460 -12.60 27.65 15.16
CA SER A 460 -13.37 28.80 14.70
C SER A 460 -14.12 29.47 15.82
N LYS A 461 -14.57 28.71 16.82
CA LYS A 461 -15.24 29.31 17.97
C LYS A 461 -14.27 30.08 18.86
N LEU A 462 -12.98 29.73 18.83
CA LEU A 462 -12.01 30.43 19.65
C LEU A 462 -11.68 31.80 19.06
N GLY A 463 -11.66 31.90 17.74
CA GLY A 463 -11.36 33.17 17.08
C GLY A 463 -9.87 33.49 17.14
N SER A 464 -9.57 34.79 17.21
CA SER A 464 -8.21 35.29 17.33
C SER A 464 -7.77 35.44 18.79
N ARG A 465 -8.38 34.69 19.71
CA ARG A 465 -8.10 34.86 21.12
C ARG A 465 -6.84 34.12 21.56
N THR A 466 -6.63 32.90 21.09
CA THR A 466 -5.65 32.02 21.74
C THR A 466 -4.25 32.15 21.14
N LYS A 467 -4.07 31.69 19.90
CA LYS A 467 -2.80 31.61 19.18
C LYS A 467 -3.11 31.03 17.81
N GLN A 468 -2.19 31.23 16.87
CA GLN A 468 -2.35 30.69 15.52
C GLN A 468 -2.12 29.18 15.52
N MET A 469 -2.93 28.47 14.73
CA MET A 469 -2.81 27.00 14.60
C MET A 469 -2.85 26.64 13.12
N ILE A 470 -1.69 26.25 12.58
CA ILE A 470 -1.62 25.72 11.22
C ILE A 470 -1.71 24.21 11.30
N ILE A 471 -2.78 23.65 10.76
CA ILE A 471 -2.95 22.19 10.73
C ILE A 471 -2.39 21.69 9.41
N THR A 472 -1.52 20.68 9.48
CA THR A 472 -0.69 20.28 8.35
C THR A 472 -0.69 18.76 8.23
N PRO A 473 -1.68 18.19 7.55
CA PRO A 473 -1.78 16.73 7.46
C PRO A 473 -0.79 16.14 6.46
N ILE A 474 -0.39 14.89 6.74
CA ILE A 474 0.51 14.14 5.87
C ILE A 474 -0.16 12.78 5.59
N TYR A 475 -0.69 12.62 4.39
CA TYR A 475 -1.12 11.32 3.89
C TYR A 475 -1.04 11.36 2.37
N ALA A 476 -1.38 10.24 1.73
CA ALA A 476 -1.20 10.09 0.29
C ALA A 476 -2.24 10.91 -0.48
N ASN A 477 -1.96 11.07 -1.78
CA ASN A 477 -2.89 11.65 -2.76
C ASN A 477 -3.27 13.08 -2.40
N LEU A 478 -2.25 13.90 -2.18
CA LEU A 478 -2.39 15.25 -1.64
C LEU A 478 -1.96 16.28 -2.67
N PRO A 479 -2.62 17.44 -2.73
CA PRO A 479 -2.21 18.47 -3.69
C PRO A 479 -0.90 19.13 -3.30
N GLN A 480 -0.32 19.83 -4.27
CA GLN A 480 1.00 20.44 -4.06
C GLN A 480 0.95 21.64 -3.12
N GLU A 481 -0.20 22.31 -3.02
CA GLU A 481 -0.34 23.44 -2.12
C GLU A 481 -0.33 23.02 -0.65
N GLN A 482 -0.67 21.76 -0.37
CA GLN A 482 -0.56 21.23 0.99
C GLN A 482 0.80 20.62 1.26
N GLN A 483 1.50 20.16 0.20
CA GLN A 483 2.82 19.57 0.37
C GLN A 483 3.93 20.62 0.48
N LEU A 484 3.70 21.84 0.00
CA LEU A 484 4.64 22.92 0.27
C LEU A 484 4.50 23.48 1.67
N LYS A 485 3.39 23.19 2.35
CA LYS A 485 3.22 23.56 3.74
C LYS A 485 3.99 22.63 4.67
N ILE A 486 4.41 21.46 4.16
CA ILE A 486 5.26 20.55 4.91
C ILE A 486 6.64 21.17 5.13
N PHE A 487 7.18 21.80 4.09
CA PHE A 487 8.61 22.12 4.03
C PHE A 487 8.94 23.47 4.62
N GLN A 488 8.10 24.48 4.37
CA GLN A 488 8.42 25.83 4.79
C GLN A 488 8.22 25.98 6.30
N PRO A 489 9.11 26.70 6.98
CA PRO A 489 9.01 26.83 8.43
C PRO A 489 7.84 27.69 8.86
N THR A 490 7.48 27.57 10.13
CA THR A 490 6.38 28.32 10.68
C THR A 490 6.78 29.79 10.86
N PRO A 491 5.82 30.71 10.77
CA PRO A 491 6.06 32.08 11.24
C PRO A 491 6.13 32.10 12.76
N GLU A 492 6.57 33.24 13.29
CA GLU A 492 6.56 33.42 14.73
C GLU A 492 5.12 33.64 15.22
N ASN A 493 4.91 33.32 16.50
CA ASN A 493 3.59 33.28 17.14
C ASN A 493 2.63 32.34 16.39
N CYS A 494 3.14 31.18 16.00
CA CYS A 494 2.38 30.18 15.27
C CYS A 494 2.77 28.79 15.77
N ARG A 495 1.79 27.89 15.82
CA ARG A 495 2.00 26.52 16.31
C ARG A 495 1.49 25.55 15.26
N LYS A 496 2.39 24.83 14.61
CA LYS A 496 1.98 23.86 13.60
C LYS A 496 1.57 22.55 14.25
N VAL A 497 0.39 22.06 13.89
CA VAL A 497 -0.12 20.77 14.36
C VAL A 497 -0.10 19.82 13.17
N VAL A 498 0.82 18.86 13.19
CA VAL A 498 1.03 17.94 12.08
C VAL A 498 0.28 16.64 12.38
N LEU A 499 -0.50 16.17 11.41
CA LEU A 499 -1.21 14.90 11.52
C LEU A 499 -0.64 13.94 10.49
N ALA A 500 -0.32 12.71 10.92
CA ALA A 500 0.32 11.75 10.03
C ALA A 500 0.02 10.35 10.53
N THR A 501 0.65 9.36 9.91
CA THR A 501 0.45 7.95 10.22
C THR A 501 1.74 7.23 10.57
N ASN A 502 2.84 7.52 9.87
CA ASN A 502 4.11 6.87 10.12
C ASN A 502 5.18 7.91 10.40
N ILE A 503 6.32 7.43 10.91
CA ILE A 503 7.37 8.31 11.42
C ILE A 503 8.22 8.88 10.28
N ALA A 504 8.44 8.10 9.23
CA ALA A 504 9.41 8.47 8.18
C ALA A 504 8.96 9.66 7.33
N GLU A 505 7.67 9.99 7.32
CA GLU A 505 7.19 11.14 6.59
C GLU A 505 7.18 12.41 7.42
N THR A 506 7.22 12.29 8.75
CA THR A 506 7.27 13.42 9.65
C THR A 506 8.66 14.02 9.79
N SER A 507 9.67 13.38 9.21
CA SER A 507 11.04 13.87 9.36
C SER A 507 11.24 15.14 8.55
N LEU A 508 11.83 16.15 9.18
CA LEU A 508 12.04 17.45 8.57
C LEU A 508 13.49 17.87 8.76
N THR A 509 13.96 18.75 7.88
CA THR A 509 15.33 19.24 8.00
C THR A 509 15.43 20.33 9.06
N ILE A 510 14.49 21.29 9.04
CA ILE A 510 14.43 22.30 10.08
C ILE A 510 13.96 21.68 11.39
N ASP A 511 12.85 20.94 11.33
CA ASP A 511 12.38 20.03 12.38
C ASP A 511 12.06 20.77 13.68
N GLY A 512 11.09 21.69 13.59
CA GLY A 512 10.72 22.45 14.76
C GLY A 512 9.76 21.79 15.73
N ILE A 513 9.42 20.51 15.55
CA ILE A 513 8.39 19.89 16.36
C ILE A 513 8.99 19.46 17.69
N ARG A 514 8.17 19.56 18.75
CA ARG A 514 8.61 19.19 20.10
C ARG A 514 7.53 18.46 20.90
N TYR A 515 6.46 18.00 20.29
CA TYR A 515 5.39 17.33 21.01
C TYR A 515 4.84 16.19 20.16
N VAL A 516 4.49 15.09 20.81
CA VAL A 516 3.97 13.89 20.13
C VAL A 516 2.80 13.35 20.94
N ILE A 517 1.66 13.17 20.28
CA ILE A 517 0.50 12.48 20.83
C ILE A 517 0.36 11.15 20.10
N ASP A 518 0.26 10.06 20.86
CA ASP A 518 0.15 8.73 20.28
C ASP A 518 -0.92 7.87 20.96
N PRO A 519 -1.96 7.45 20.23
CA PRO A 519 -2.87 6.45 20.75
C PRO A 519 -2.43 5.02 20.50
N GLY A 520 -1.40 4.82 19.68
CA GLY A 520 -0.80 3.51 19.51
C GLY A 520 -1.57 2.52 18.67
N PHE A 521 -2.03 2.92 17.49
CA PHE A 521 -2.68 2.00 16.57
C PHE A 521 -2.11 2.15 15.16
N VAL A 522 -1.97 1.01 14.48
CA VAL A 522 -1.61 0.95 13.08
C VAL A 522 -2.65 0.10 12.37
N LYS A 523 -3.15 0.59 11.24
CA LYS A 523 -4.01 -0.21 10.36
C LYS A 523 -3.14 -0.94 9.36
N GLU A 524 -3.26 -2.27 9.33
CA GLU A 524 -2.40 -3.10 8.50
C GLU A 524 -3.19 -4.26 7.93
N ASN A 525 -2.68 -4.80 6.82
CA ASN A 525 -3.38 -5.82 6.03
C ASN A 525 -3.13 -7.19 6.63
N SER A 526 -4.06 -7.67 7.45
CA SER A 526 -3.95 -9.00 8.03
C SER A 526 -4.50 -10.04 7.06
N TYR A 527 -3.77 -11.15 6.94
CA TYR A 527 -4.18 -12.25 6.07
C TYR A 527 -5.43 -12.94 6.58
N VAL A 528 -6.33 -13.27 5.67
CA VAL A 528 -7.59 -13.94 5.99
C VAL A 528 -7.35 -15.44 6.05
N PRO A 529 -7.78 -16.14 7.09
CA PRO A 529 -7.57 -17.59 7.13
C PRO A 529 -8.52 -18.38 6.25
N SER A 530 -9.68 -17.85 5.91
CA SER A 530 -10.64 -18.59 5.10
C SER A 530 -10.29 -18.52 3.62
N THR A 531 -10.17 -17.31 3.08
CA THR A 531 -9.81 -17.10 1.69
C THR A 531 -8.33 -16.80 1.58
N GLY A 532 -7.89 -16.45 0.38
CA GLY A 532 -6.49 -16.16 0.17
C GLY A 532 -6.08 -14.72 0.34
N MET A 533 -7.02 -13.81 0.62
CA MET A 533 -6.77 -12.39 0.55
C MET A 533 -6.41 -11.81 1.91
N THR A 534 -6.24 -10.50 1.95
CA THR A 534 -5.79 -9.77 3.13
C THR A 534 -6.85 -8.74 3.50
N GLN A 535 -7.57 -8.98 4.59
CA GLN A 535 -8.44 -7.96 5.14
C GLN A 535 -7.61 -6.85 5.77
N LEU A 536 -8.20 -5.65 5.79
CA LEU A 536 -7.55 -4.50 6.40
C LEU A 536 -8.09 -4.36 7.82
N LEU A 537 -7.18 -4.43 8.79
CA LEU A 537 -7.57 -4.55 10.19
C LEU A 537 -6.74 -3.57 11.01
N THR A 538 -7.32 -3.09 12.10
CA THR A 538 -6.64 -2.13 12.98
C THR A 538 -6.21 -2.83 14.26
N VAL A 539 -4.92 -2.72 14.58
CA VAL A 539 -4.32 -3.48 15.67
C VAL A 539 -3.55 -2.51 16.57
N PRO A 540 -3.35 -2.89 17.84
CA PRO A 540 -2.37 -2.17 18.66
C PRO A 540 -0.97 -2.36 18.11
N CYS A 541 -0.22 -1.27 18.03
CA CYS A 541 1.12 -1.37 17.49
C CYS A 541 2.10 -1.85 18.57
N SER A 542 3.33 -2.09 18.14
CA SER A 542 4.32 -2.78 18.97
C SER A 542 5.09 -1.80 19.85
N ARG A 543 5.69 -2.36 20.90
CA ARG A 543 6.45 -1.57 21.87
C ARG A 543 7.68 -0.94 21.25
N ALA A 544 8.26 -1.57 20.24
CA ALA A 544 9.38 -0.95 19.52
C ALA A 544 8.90 0.17 18.61
N SER A 545 7.65 0.10 18.15
CA SER A 545 7.12 1.13 17.27
C SER A 545 6.63 2.34 18.04
N VAL A 546 6.15 2.15 19.27
CA VAL A 546 5.77 3.28 20.12
C VAL A 546 7.01 4.09 20.51
N ASP A 547 8.12 3.41 20.80
CA ASP A 547 9.35 4.08 21.16
C ASP A 547 10.00 4.80 19.98
N GLN A 548 9.64 4.44 18.74
CA GLN A 548 10.06 5.25 17.60
C GLN A 548 9.25 6.53 17.52
N ARG A 549 8.02 6.51 18.01
CA ARG A 549 7.17 7.69 17.96
C ARG A 549 7.53 8.67 19.06
N ALA A 550 7.83 8.17 20.26
CA ALA A 550 8.23 9.05 21.36
C ALA A 550 9.58 9.69 21.12
N GLY A 551 10.46 9.03 20.35
CA GLY A 551 11.73 9.59 19.99
C GLY A 551 11.71 10.65 18.93
N ARG A 552 10.54 10.92 18.35
CA ARG A 552 10.42 11.98 17.36
C ARG A 552 10.46 13.36 18.01
N ALA A 553 10.01 13.46 19.27
CA ALA A 553 10.02 14.75 19.95
C ALA A 553 11.42 15.19 20.33
N GLY A 554 12.31 14.24 20.64
CA GLY A 554 13.65 14.57 21.08
C GLY A 554 14.67 14.66 19.97
N ARG A 555 14.43 15.50 18.98
CA ARG A 555 15.39 15.74 17.91
C ARG A 555 16.19 17.02 18.11
N VAL A 556 15.51 18.11 18.47
CA VAL A 556 16.15 19.41 18.63
C VAL A 556 16.17 19.85 20.09
N GLY A 557 15.08 19.63 20.81
CA GLY A 557 15.01 20.01 22.21
C GLY A 557 14.31 18.95 23.04
N PRO A 558 14.21 19.20 24.36
CA PRO A 558 13.53 18.24 25.23
C PRO A 558 12.02 18.21 24.99
N GLY A 559 11.55 17.17 24.33
CA GLY A 559 10.15 17.07 23.97
C GLY A 559 9.32 16.36 25.03
N LYS A 560 8.04 16.21 24.71
CA LYS A 560 7.10 15.51 25.57
C LYS A 560 6.33 14.53 24.71
N CYS A 561 5.91 13.42 25.32
CA CYS A 561 5.14 12.40 24.62
C CYS A 561 3.91 12.05 25.44
N PHE A 562 2.74 12.24 24.86
CA PHE A 562 1.47 11.94 25.51
C PHE A 562 0.91 10.66 24.90
N ARG A 563 0.68 9.65 25.74
CA ARG A 563 0.24 8.35 25.31
C ARG A 563 -1.13 8.08 25.92
N ILE A 564 -2.11 7.76 25.06
CA ILE A 564 -3.49 7.58 25.49
C ILE A 564 -3.63 6.29 26.31
N PHE A 565 -2.86 5.27 25.99
CA PHE A 565 -2.87 4.05 26.80
C PHE A 565 -2.12 4.25 28.12
N THR A 566 -2.50 3.46 29.11
CA THR A 566 -1.89 3.53 30.42
C THR A 566 -0.51 2.88 30.41
N LYS A 567 0.22 3.06 31.52
CA LYS A 567 1.56 2.48 31.63
C LYS A 567 1.50 0.97 31.82
N TRP A 568 0.40 0.45 32.38
CA TRP A 568 0.25 -0.99 32.56
C TRP A 568 0.09 -1.69 31.22
N SER A 569 -0.74 -1.13 30.33
CA SER A 569 -0.95 -1.74 29.02
C SER A 569 0.25 -1.55 28.10
N TYR A 570 1.13 -0.60 28.41
CA TYR A 570 2.38 -0.48 27.66
C TYR A 570 3.30 -1.66 27.93
N LEU A 571 3.34 -2.15 29.17
CA LEU A 571 4.30 -3.17 29.55
C LEU A 571 3.76 -4.59 29.40
N HIS A 572 2.45 -4.78 29.54
CA HIS A 572 1.90 -6.12 29.65
C HIS A 572 0.83 -6.43 28.60
N GLU A 573 0.64 -5.57 27.59
CA GLU A 573 -0.33 -5.85 26.54
C GLU A 573 0.19 -5.53 25.14
N LEU A 574 1.46 -5.19 24.97
CA LEU A 574 1.99 -4.86 23.67
C LEU A 574 3.10 -5.84 23.30
N GLU A 575 3.24 -6.10 22.01
CA GLU A 575 4.31 -6.95 21.52
C GLU A 575 5.64 -6.21 21.62
N LEU A 576 6.68 -6.94 22.03
CA LEU A 576 7.97 -6.30 22.29
C LEU A 576 8.69 -5.92 21.01
N MET A 577 8.36 -6.56 19.88
CA MET A 577 9.02 -6.30 18.61
C MET A 577 8.02 -6.63 17.52
N PRO A 578 7.90 -5.81 16.49
CA PRO A 578 6.87 -6.07 15.46
C PRO A 578 7.23 -7.24 14.56
N LYS A 579 6.22 -8.04 14.25
CA LYS A 579 6.35 -9.17 13.35
C LYS A 579 6.57 -8.70 11.92
N PRO A 580 7.24 -9.50 11.08
CA PRO A 580 7.39 -9.13 9.67
C PRO A 580 6.08 -9.26 8.92
N GLU A 581 6.02 -8.61 7.75
CA GLU A 581 4.80 -8.64 6.97
C GLU A 581 4.65 -9.94 6.20
N ILE A 582 5.78 -10.57 5.84
CA ILE A 582 5.79 -11.73 4.96
C ILE A 582 5.13 -12.97 5.57
N THR A 583 4.90 -12.97 6.89
CA THR A 583 4.29 -14.13 7.51
C THR A 583 2.78 -14.17 7.32
N ARG A 584 2.11 -13.01 7.21
CA ARG A 584 0.65 -12.97 7.05
C ARG A 584 0.27 -12.04 5.86
N THR A 585 0.33 -12.62 4.65
CA THR A 585 0.05 -11.88 3.43
C THR A 585 -0.54 -12.81 2.38
N ASN A 586 -0.91 -12.22 1.25
CA ASN A 586 -1.47 -12.95 0.12
C ASN A 586 -0.43 -13.87 -0.52
N LEU A 587 0.73 -13.30 -0.87
CA LEU A 587 1.85 -13.96 -1.57
C LEU A 587 1.48 -14.45 -2.97
N SER A 588 0.36 -14.02 -3.54
CA SER A 588 0.02 -14.44 -4.89
C SER A 588 0.83 -13.67 -5.92
N ASN A 589 0.96 -12.35 -5.75
CA ASN A 589 1.83 -11.56 -6.59
C ASN A 589 3.30 -11.87 -6.31
N THR A 590 3.61 -12.39 -5.12
CA THR A 590 4.98 -12.69 -4.74
C THR A 590 5.53 -13.90 -5.48
N VAL A 591 4.81 -15.02 -5.42
CA VAL A 591 5.31 -16.28 -5.97
C VAL A 591 5.37 -16.21 -7.50
N LEU A 592 4.37 -15.58 -8.12
CA LEU A 592 4.37 -15.36 -9.57
C LEU A 592 5.51 -14.44 -10.00
N LEU A 593 5.95 -13.55 -9.11
CA LEU A 593 7.10 -12.71 -9.41
C LEU A 593 8.41 -13.51 -9.33
N LEU A 594 8.51 -14.43 -8.37
CA LEU A 594 9.74 -15.19 -8.21
C LEU A 594 9.86 -16.29 -9.26
N LEU A 595 8.74 -16.90 -9.65
CA LEU A 595 8.77 -17.91 -10.70
C LEU A 595 9.10 -17.32 -12.06
N SER A 596 8.81 -16.04 -12.27
CA SER A 596 9.19 -15.38 -13.50
C SER A 596 10.67 -15.03 -13.55
N LEU A 597 11.33 -14.92 -12.40
CA LEU A 597 12.74 -14.58 -12.33
C LEU A 597 13.65 -15.80 -12.34
N GLY A 598 13.08 -17.00 -12.37
CA GLY A 598 13.87 -18.21 -12.36
C GLY A 598 13.97 -18.89 -11.01
N VAL A 599 13.37 -18.33 -9.97
CA VAL A 599 13.41 -18.94 -8.65
C VAL A 599 12.44 -20.11 -8.65
N THR A 600 12.98 -21.32 -8.75
CA THR A 600 12.12 -22.50 -8.81
C THR A 600 11.66 -22.92 -7.42
N ASP A 601 12.60 -23.11 -6.50
CA ASP A 601 12.29 -23.58 -5.15
C ASP A 601 11.95 -22.41 -4.23
N LEU A 602 10.79 -22.49 -3.58
CA LEU A 602 10.28 -21.42 -2.74
C LEU A 602 10.63 -21.59 -1.26
N ILE A 603 11.02 -22.79 -0.84
CA ILE A 603 11.47 -23.01 0.53
C ILE A 603 12.95 -22.68 0.66
N LYS A 604 13.76 -23.16 -0.28
CA LYS A 604 15.20 -22.99 -0.26
C LYS A 604 15.65 -21.60 -0.68
N PHE A 605 14.70 -20.72 -1.06
CA PHE A 605 15.04 -19.34 -1.37
C PHE A 605 15.49 -18.63 -0.09
N PRO A 606 16.66 -18.01 -0.08
CA PRO A 606 17.37 -17.75 1.18
C PRO A 606 16.93 -16.55 2.00
N LEU A 607 15.72 -16.01 1.78
CA LEU A 607 15.26 -14.86 2.58
C LEU A 607 15.14 -15.23 4.06
N MET A 608 15.21 -14.18 4.90
CA MET A 608 15.56 -14.37 6.31
C MET A 608 14.40 -14.88 7.15
N ASP A 609 13.19 -14.35 6.99
CA ASP A 609 12.01 -14.92 7.63
C ASP A 609 11.10 -15.49 6.55
N LYS A 610 10.91 -16.80 6.59
CA LYS A 610 10.25 -17.54 5.54
C LYS A 610 8.77 -17.73 5.85
N PRO A 611 7.92 -17.71 4.83
CA PRO A 611 6.47 -17.81 5.06
C PRO A 611 6.06 -19.22 5.47
N SER A 612 4.94 -19.29 6.18
CA SER A 612 4.41 -20.58 6.58
C SER A 612 3.82 -21.31 5.39
N ILE A 613 3.78 -22.63 5.49
CA ILE A 613 3.32 -23.52 4.41
C ILE A 613 1.82 -23.37 4.13
N PRO A 614 0.89 -23.26 5.11
CA PRO A 614 -0.50 -22.96 4.71
C PRO A 614 -0.69 -21.59 4.07
N THR A 615 0.17 -20.62 4.39
CA THR A 615 0.12 -19.35 3.67
C THR A 615 0.71 -19.51 2.27
N LEU A 616 1.69 -20.39 2.11
CA LEU A 616 2.37 -20.53 0.83
C LEU A 616 1.65 -21.47 -0.12
N ARG A 617 0.94 -22.48 0.39
CA ARG A 617 0.18 -23.35 -0.50
C ARG A 617 -1.11 -22.70 -0.98
N LYS A 618 -1.60 -21.68 -0.27
CA LYS A 618 -2.82 -21.00 -0.70
C LYS A 618 -2.52 -20.00 -1.80
N SER A 619 -1.32 -19.44 -1.82
CA SER A 619 -0.88 -18.57 -2.90
C SER A 619 -0.45 -19.35 -4.14
N LEU A 620 -0.25 -20.66 -4.02
CA LEU A 620 -0.01 -21.47 -5.20
C LEU A 620 -1.31 -21.91 -5.85
N GLU A 621 -2.29 -22.32 -5.05
CA GLU A 621 -3.55 -22.76 -5.61
C GLU A 621 -4.50 -21.62 -5.94
N ASN A 622 -4.15 -20.38 -5.60
CA ASN A 622 -4.89 -19.25 -6.14
C ASN A 622 -4.35 -18.77 -7.47
N LEU A 623 -3.07 -19.03 -7.76
CA LEU A 623 -2.54 -18.76 -9.08
C LEU A 623 -2.88 -19.87 -10.08
N TYR A 624 -3.47 -20.96 -9.60
CA TYR A 624 -3.94 -22.05 -10.45
C TYR A 624 -5.40 -21.90 -10.82
N ILE A 625 -6.19 -21.29 -9.94
CA ILE A 625 -7.56 -20.93 -10.28
C ILE A 625 -7.57 -19.82 -11.32
N LEU A 626 -6.65 -18.86 -11.18
CA LEU A 626 -6.52 -17.79 -12.17
C LEU A 626 -5.94 -18.28 -13.49
N GLY A 627 -5.39 -19.50 -13.53
CA GLY A 627 -4.78 -19.98 -14.76
C GLY A 627 -3.46 -19.32 -15.07
N ALA A 628 -2.77 -18.81 -14.05
CA ALA A 628 -1.46 -18.21 -14.23
C ALA A 628 -0.33 -19.20 -14.02
N LEU A 629 -0.61 -20.32 -13.38
CA LEU A 629 0.34 -21.42 -13.26
C LEU A 629 -0.23 -22.64 -13.98
N ASN A 630 0.66 -23.33 -14.70
CA ASN A 630 0.31 -24.54 -15.41
C ASN A 630 0.04 -25.67 -14.41
N SER A 631 -0.58 -26.75 -14.88
CA SER A 631 -0.76 -27.90 -14.01
C SER A 631 0.55 -28.63 -13.76
N LYS A 632 1.51 -28.47 -14.67
CA LYS A 632 2.88 -28.94 -14.47
C LYS A 632 3.75 -27.90 -13.77
N GLY A 633 3.16 -26.78 -13.33
CA GLY A 633 3.86 -25.81 -12.53
C GLY A 633 4.67 -24.77 -13.28
N THR A 634 4.68 -24.80 -14.61
CA THR A 634 5.40 -23.79 -15.34
C THR A 634 4.59 -22.50 -15.39
N ILE A 635 5.28 -21.39 -15.61
CA ILE A 635 4.63 -20.10 -15.72
C ILE A 635 4.09 -19.96 -17.15
N THR A 636 2.77 -19.85 -17.27
CA THR A 636 2.12 -19.83 -18.57
C THR A 636 2.18 -18.44 -19.19
N ARG A 637 1.63 -18.32 -20.39
CA ARG A 637 1.64 -17.04 -21.11
C ARG A 637 0.76 -16.01 -20.41
N LEU A 638 -0.33 -16.47 -19.78
CA LEU A 638 -1.11 -15.58 -18.94
C LEU A 638 -0.31 -15.16 -17.70
N GLY A 639 0.50 -16.05 -17.16
CA GLY A 639 1.37 -15.69 -16.05
C GLY A 639 2.50 -14.77 -16.46
N LYS A 640 2.99 -14.90 -17.70
CA LYS A 640 3.93 -13.94 -18.24
C LYS A 640 3.27 -12.63 -18.62
N MET A 641 1.94 -12.60 -18.70
CA MET A 641 1.17 -11.40 -18.98
C MET A 641 0.88 -10.60 -17.72
N MET A 642 0.59 -11.29 -16.61
CA MET A 642 0.31 -10.63 -15.35
C MET A 642 1.54 -9.93 -14.77
N CYS A 643 2.74 -10.34 -15.16
CA CYS A 643 3.95 -9.61 -14.79
C CYS A 643 4.05 -8.28 -15.51
N GLU A 644 3.44 -8.15 -16.68
CA GLU A 644 3.59 -6.93 -17.48
C GLU A 644 2.77 -5.78 -16.93
N PHE A 645 1.59 -6.05 -16.38
CA PHE A 645 0.75 -4.96 -15.93
C PHE A 645 1.21 -4.45 -14.56
N PRO A 646 1.26 -3.13 -14.36
CA PRO A 646 1.66 -2.58 -13.06
C PRO A 646 0.51 -2.56 -12.05
N CYS A 647 -0.02 -3.75 -11.77
CA CYS A 647 -1.15 -3.89 -10.85
C CYS A 647 -1.14 -5.31 -10.29
N GLU A 648 -2.16 -5.61 -9.50
CA GLU A 648 -2.33 -6.94 -8.93
C GLU A 648 -2.62 -7.94 -10.04
N PRO A 649 -2.13 -9.19 -9.92
CA PRO A 649 -2.41 -10.21 -10.94
C PRO A 649 -3.87 -10.62 -11.05
N GLU A 650 -4.74 -10.22 -10.12
CA GLU A 650 -6.16 -10.45 -10.28
C GLU A 650 -6.86 -9.32 -11.04
N PHE A 651 -6.26 -8.13 -11.05
CA PHE A 651 -6.69 -7.09 -11.98
C PHE A 651 -6.25 -7.37 -13.40
N ALA A 652 -5.18 -8.17 -13.58
CA ALA A 652 -4.74 -8.54 -14.92
C ALA A 652 -5.55 -9.69 -15.49
N LYS A 653 -6.24 -10.46 -14.67
CA LYS A 653 -7.13 -11.50 -15.16
C LYS A 653 -8.45 -10.92 -15.66
N VAL A 654 -8.92 -9.84 -15.04
CA VAL A 654 -10.15 -9.19 -15.47
C VAL A 654 -9.96 -8.52 -16.82
N LEU A 655 -8.80 -7.90 -17.04
CA LEU A 655 -8.52 -7.29 -18.32
C LEU A 655 -8.25 -8.33 -19.41
N TYR A 656 -7.80 -9.53 -19.03
CA TYR A 656 -7.62 -10.59 -20.00
C TYR A 656 -8.94 -11.25 -20.36
N THR A 657 -9.83 -11.41 -19.38
CA THR A 657 -11.13 -12.01 -19.65
C THR A 657 -11.99 -11.11 -20.52
N ALA A 658 -11.87 -9.80 -20.36
CA ALA A 658 -12.67 -8.85 -21.11
C ALA A 658 -12.27 -8.74 -22.57
N ALA A 659 -11.06 -9.20 -22.93
CA ALA A 659 -10.63 -9.11 -24.31
C ALA A 659 -10.60 -10.46 -25.02
N THR A 660 -10.58 -11.57 -24.29
CA THR A 660 -10.32 -12.87 -24.90
C THR A 660 -11.36 -13.94 -24.65
N HIS A 661 -12.24 -13.80 -23.67
CA HIS A 661 -13.11 -14.90 -23.29
C HIS A 661 -14.26 -15.04 -24.30
N GLU A 662 -14.74 -16.28 -24.45
CA GLU A 662 -15.75 -16.55 -25.48
C GLU A 662 -17.13 -16.05 -25.10
N GLN A 663 -17.36 -15.77 -23.82
CA GLN A 663 -18.63 -15.24 -23.35
C GLN A 663 -18.51 -13.82 -22.83
N CYS A 664 -17.32 -13.21 -22.88
CA CYS A 664 -17.08 -11.95 -22.19
C CYS A 664 -16.30 -10.94 -23.01
N GLN A 665 -15.96 -11.22 -24.25
CA GLN A 665 -15.11 -10.32 -25.01
C GLN A 665 -15.92 -9.12 -25.49
N GLY A 666 -15.24 -7.98 -25.59
CA GLY A 666 -15.84 -6.74 -26.01
C GLY A 666 -15.76 -5.62 -24.99
N VAL A 667 -15.46 -5.93 -23.73
CA VAL A 667 -15.64 -4.96 -22.66
C VAL A 667 -14.33 -4.61 -21.96
N LEU A 668 -13.21 -4.61 -22.69
CA LEU A 668 -11.96 -4.13 -22.11
C LEU A 668 -12.01 -2.63 -21.86
N GLU A 669 -12.67 -1.88 -22.74
CA GLU A 669 -12.76 -0.44 -22.59
C GLU A 669 -13.62 -0.05 -21.39
N GLU A 670 -14.58 -0.90 -21.03
CA GLU A 670 -15.35 -0.70 -19.81
C GLU A 670 -14.67 -1.29 -18.59
N CYS A 671 -13.72 -2.19 -18.77
CA CYS A 671 -12.98 -2.76 -17.64
C CYS A 671 -11.65 -2.09 -17.38
N LEU A 672 -11.11 -1.32 -18.33
CA LEU A 672 -10.02 -0.42 -18.00
C LEU A 672 -10.50 0.78 -17.20
N THR A 673 -11.81 1.05 -17.23
CA THR A 673 -12.39 2.17 -16.51
C THR A 673 -12.67 1.80 -15.06
N ILE A 674 -13.33 0.66 -14.82
CA ILE A 674 -13.74 0.29 -13.47
C ILE A 674 -12.55 -0.12 -12.64
N VAL A 675 -11.56 -0.79 -13.23
CA VAL A 675 -10.33 -1.13 -12.52
C VAL A 675 -9.56 0.14 -12.14
N SER A 676 -9.54 1.14 -13.02
CA SER A 676 -8.88 2.40 -12.69
C SER A 676 -9.64 3.18 -11.62
N MET A 677 -10.96 2.99 -11.52
CA MET A 677 -11.74 3.63 -10.48
C MET A 677 -11.55 2.95 -9.13
N LEU A 678 -11.23 1.66 -9.11
CA LEU A 678 -11.07 0.94 -7.85
C LEU A 678 -9.72 1.21 -7.20
N HIS A 679 -8.75 1.75 -7.93
CA HIS A 679 -7.49 2.12 -7.30
C HIS A 679 -7.61 3.40 -6.48
N GLU A 680 -8.60 4.24 -6.76
CA GLU A 680 -8.77 5.53 -6.11
C GLU A 680 -10.16 5.67 -5.53
N THR A 681 -10.68 4.59 -4.95
CA THR A 681 -12.02 4.59 -4.38
C THR A 681 -12.24 5.56 -3.20
N PRO A 682 -11.41 5.61 -2.14
CA PRO A 682 -11.82 6.44 -0.98
C PRO A 682 -11.67 7.94 -1.21
N SER A 683 -11.02 8.38 -2.27
CA SER A 683 -10.79 9.80 -2.51
C SER A 683 -11.66 10.38 -3.62
N LEU A 684 -12.71 9.67 -4.04
CA LEU A 684 -13.45 10.09 -5.23
C LEU A 684 -14.31 11.33 -4.97
N PHE A 685 -15.08 11.33 -3.89
CA PHE A 685 -16.21 12.22 -3.75
C PHE A 685 -16.07 13.13 -2.53
N ILE A 686 -16.76 14.27 -2.59
CA ILE A 686 -16.95 15.16 -1.44
C ILE A 686 -18.29 14.84 -0.81
N GLY A 687 -18.33 14.85 0.52
CA GLY A 687 -19.56 14.52 1.21
C GLY A 687 -19.79 13.02 1.24
N GLN A 688 -21.07 12.64 1.24
CA GLN A 688 -21.42 11.24 1.17
C GLN A 688 -21.57 10.79 -0.28
N LYS A 689 -21.58 9.48 -0.49
CA LYS A 689 -21.69 8.94 -1.85
C LYS A 689 -23.14 8.74 -2.27
N ARG A 690 -24.04 8.55 -1.30
CA ARG A 690 -25.46 8.37 -1.61
C ARG A 690 -26.11 9.63 -2.18
N ASP A 691 -25.49 10.79 -1.97
CA ASP A 691 -25.94 12.03 -2.58
C ASP A 691 -25.30 12.25 -3.96
N ALA A 692 -24.06 11.80 -4.12
CA ALA A 692 -23.37 11.92 -5.39
C ALA A 692 -23.77 10.85 -6.39
N ALA A 693 -24.27 9.70 -5.92
CA ALA A 693 -24.67 8.64 -6.84
C ALA A 693 -26.00 8.95 -7.52
N ALA A 694 -26.92 9.60 -6.79
CA ALA A 694 -28.22 9.94 -7.37
C ALA A 694 -28.12 11.06 -8.39
N SER A 695 -27.02 11.79 -8.41
CA SER A 695 -26.87 12.89 -9.36
C SER A 695 -26.32 12.41 -10.70
N VAL A 696 -25.56 11.31 -10.72
CA VAL A 696 -24.97 10.82 -11.96
C VAL A 696 -25.88 9.80 -12.65
N LEU A 697 -26.48 8.88 -11.92
CA LEU A 697 -27.44 7.94 -12.49
C LEU A 697 -28.41 7.54 -11.40
N SER A 698 -29.71 7.66 -11.69
CA SER A 698 -30.73 7.64 -10.64
C SER A 698 -30.87 6.27 -9.99
N GLU A 699 -30.66 5.18 -10.73
CA GLU A 699 -30.85 3.83 -10.19
C GLU A 699 -29.70 2.93 -10.65
N VAL A 700 -28.65 2.86 -9.83
CA VAL A 700 -27.61 1.84 -9.97
C VAL A 700 -27.86 0.79 -8.91
N GLU A 701 -27.35 -0.42 -9.16
CA GLU A 701 -27.51 -1.52 -8.22
C GLU A 701 -26.19 -2.01 -7.65
N SER A 702 -25.12 -1.97 -8.44
CA SER A 702 -23.82 -2.43 -7.99
C SER A 702 -22.81 -1.30 -8.06
N ASP A 703 -21.78 -1.40 -7.22
CA ASP A 703 -20.84 -0.33 -7.02
C ASP A 703 -19.81 -0.20 -8.14
N HIS A 704 -19.69 -1.22 -8.99
CA HIS A 704 -18.76 -1.15 -10.12
C HIS A 704 -19.36 -0.43 -11.31
N ILE A 705 -20.65 -0.64 -11.56
CA ILE A 705 -21.32 0.01 -12.68
C ILE A 705 -21.49 1.50 -12.41
N LEU A 706 -21.64 1.86 -11.14
CA LEU A 706 -21.67 3.27 -10.75
C LEU A 706 -20.34 3.96 -11.07
N TYR A 707 -19.22 3.25 -10.90
CA TYR A 707 -17.93 3.83 -11.21
C TYR A 707 -17.68 3.90 -12.70
N LEU A 708 -18.31 3.00 -13.47
CA LEU A 708 -18.29 3.11 -14.92
C LEU A 708 -19.11 4.31 -15.40
N GLU A 709 -20.19 4.61 -14.70
CA GLU A 709 -21.09 5.68 -15.13
C GLU A 709 -20.49 7.06 -14.83
N ILE A 710 -19.73 7.16 -13.74
CA ILE A 710 -19.12 8.43 -13.34
C ILE A 710 -18.02 8.84 -14.31
N PHE A 711 -17.17 7.90 -14.71
CA PHE A 711 -16.05 8.26 -15.59
C PHE A 711 -16.51 8.51 -17.01
N ASN A 712 -17.57 7.84 -17.46
CA ASN A 712 -18.06 8.05 -18.82
C ASN A 712 -18.74 9.41 -18.95
N GLN A 713 -19.57 9.78 -17.97
CA GLN A 713 -20.20 11.09 -17.99
C GLN A 713 -19.19 12.21 -17.80
N TRP A 714 -18.12 11.96 -17.06
CA TRP A 714 -17.05 12.95 -16.97
C TRP A 714 -16.27 13.04 -18.27
N ARG A 715 -16.15 11.92 -18.99
CA ARG A 715 -15.51 11.95 -20.30
C ARG A 715 -16.40 12.62 -21.33
N ASN A 716 -17.73 12.40 -21.22
CA ASN A 716 -18.66 13.02 -22.16
C ASN A 716 -18.79 14.51 -21.97
N SER A 717 -18.41 15.04 -20.81
CA SER A 717 -18.34 16.49 -20.59
C SER A 717 -16.94 17.03 -20.82
N LYS A 718 -16.12 16.30 -21.59
CA LYS A 718 -14.78 16.73 -22.04
C LYS A 718 -13.83 16.99 -20.85
N PHE A 719 -13.99 16.17 -19.80
CA PHE A 719 -13.17 16.20 -18.58
C PHE A 719 -13.24 17.57 -17.90
N SER A 720 -14.47 17.98 -17.58
CA SER A 720 -14.72 19.33 -17.09
C SER A 720 -14.48 19.42 -15.58
N ARG A 721 -13.84 20.51 -15.16
CA ARG A 721 -13.73 20.81 -13.74
C ARG A 721 -15.10 21.10 -13.15
N SER A 722 -15.94 21.81 -13.91
CA SER A 722 -17.27 22.17 -13.44
C SER A 722 -18.22 20.99 -13.37
N TRP A 723 -17.91 19.89 -14.08
CA TRP A 723 -18.76 18.71 -13.99
C TRP A 723 -18.67 18.06 -12.63
N CYS A 724 -17.44 17.93 -12.10
CA CYS A 724 -17.21 17.16 -10.89
C CYS A 724 -17.76 17.88 -9.66
N GLN A 725 -17.72 19.21 -9.65
CA GLN A 725 -18.27 19.96 -8.53
C GLN A 725 -19.79 19.90 -8.48
N ASP A 726 -20.44 19.72 -9.63
CA ASP A 726 -21.89 19.64 -9.64
C ASP A 726 -22.38 18.30 -9.11
N HIS A 727 -21.67 17.22 -9.43
CA HIS A 727 -22.09 15.87 -9.07
C HIS A 727 -21.39 15.36 -7.81
N LYS A 728 -20.77 16.27 -7.04
CA LYS A 728 -20.15 16.01 -5.73
C LYS A 728 -19.02 14.99 -5.84
N ILE A 729 -18.04 15.31 -6.67
CA ILE A 729 -16.92 14.43 -7.01
C ILE A 729 -15.65 15.27 -6.99
N GLN A 730 -14.58 14.75 -6.37
CA GLN A 730 -13.32 15.48 -6.34
C GLN A 730 -12.66 15.43 -7.71
N PHE A 731 -12.29 16.60 -8.23
CA PHE A 731 -11.69 16.65 -9.56
C PHE A 731 -10.24 16.18 -9.54
N LYS A 732 -9.54 16.35 -8.42
CA LYS A 732 -8.13 15.94 -8.36
C LYS A 732 -7.99 14.43 -8.35
N THR A 733 -9.01 13.71 -7.88
CA THR A 733 -8.98 12.25 -7.91
C THR A 733 -9.15 11.74 -9.33
N MET A 734 -10.10 12.31 -10.07
CA MET A 734 -10.42 11.86 -11.42
C MET A 734 -9.30 12.10 -12.40
N LEU A 735 -8.41 13.06 -12.13
CA LEU A 735 -7.22 13.20 -12.97
C LEU A 735 -6.23 12.08 -12.73
N ARG A 736 -6.23 11.49 -11.53
CA ARG A 736 -5.36 10.35 -11.29
C ARG A 736 -5.94 9.07 -11.86
N VAL A 737 -7.28 8.93 -11.79
CA VAL A 737 -7.96 7.80 -12.41
C VAL A 737 -7.78 7.83 -13.92
N ARG A 738 -7.83 9.03 -14.51
CA ARG A 738 -7.53 9.20 -15.92
C ARG A 738 -6.07 8.89 -16.25
N ASN A 739 -5.18 8.99 -15.26
CA ASN A 739 -3.78 8.68 -15.47
C ASN A 739 -3.48 7.19 -15.30
N ILE A 740 -4.17 6.54 -14.34
CA ILE A 740 -4.07 5.09 -14.19
C ILE A 740 -4.60 4.39 -15.43
N ARG A 741 -5.69 4.91 -15.99
CA ARG A 741 -6.26 4.34 -17.21
C ARG A 741 -5.33 4.48 -18.40
N ASN A 742 -4.59 5.59 -18.48
CA ASN A 742 -3.61 5.74 -19.55
C ASN A 742 -2.42 4.81 -19.37
N GLN A 743 -2.13 4.41 -18.13
CA GLN A 743 -1.09 3.42 -17.90
C GLN A 743 -1.56 2.02 -18.22
N LEU A 744 -2.79 1.67 -17.82
CA LEU A 744 -3.32 0.33 -18.07
C LEU A 744 -3.69 0.11 -19.53
N PHE A 745 -3.99 1.18 -20.28
CA PHE A 745 -4.28 1.02 -21.70
C PHE A 745 -3.01 0.91 -22.52
N ARG A 746 -1.96 1.63 -22.13
CA ARG A 746 -0.69 1.56 -22.84
C ARG A 746 -0.01 0.21 -22.63
N CYS A 747 -0.25 -0.43 -21.49
CA CYS A 747 0.29 -1.76 -21.25
C CYS A 747 -0.53 -2.84 -21.95
N SER A 748 -1.82 -2.59 -22.20
CA SER A 748 -2.63 -3.53 -22.95
C SER A 748 -2.33 -3.50 -24.44
N GLU A 749 -1.68 -2.44 -24.94
CA GLU A 749 -1.27 -2.42 -26.34
C GLU A 749 -0.07 -3.33 -26.57
N LYS A 750 0.90 -3.33 -25.65
CA LYS A 750 2.09 -4.16 -25.81
C LYS A 750 1.75 -5.64 -25.70
N VAL A 751 0.81 -5.98 -24.82
CA VAL A 751 0.36 -7.36 -24.70
C VAL A 751 -0.41 -7.79 -25.94
N GLY A 752 -1.33 -6.95 -26.41
CA GLY A 752 -2.17 -7.28 -27.54
C GLY A 752 -3.63 -7.48 -27.21
N LEU A 753 -4.08 -7.09 -26.01
CA LEU A 753 -5.49 -7.19 -25.68
C LEU A 753 -6.32 -6.09 -26.32
N VAL A 754 -5.67 -5.04 -26.82
CA VAL A 754 -6.39 -3.99 -27.55
C VAL A 754 -6.87 -4.51 -28.89
N GLU A 755 -5.95 -5.10 -29.66
CA GLU A 755 -6.29 -5.63 -30.98
C GLU A 755 -7.25 -6.82 -30.88
N LYS A 756 -7.14 -7.61 -29.82
CA LYS A 756 -8.06 -8.73 -29.64
C LYS A 756 -9.46 -8.29 -29.23
N ASN A 757 -9.62 -7.05 -28.78
CA ASN A 757 -10.94 -6.52 -28.47
C ASN A 757 -11.46 -5.60 -29.57
N ASP A 758 -10.59 -4.97 -30.36
CA ASP A 758 -11.08 -4.25 -31.54
C ASP A 758 -11.66 -5.23 -32.56
N GLN A 759 -11.04 -6.40 -32.69
CA GLN A 759 -11.59 -7.43 -33.56
C GLN A 759 -12.84 -8.06 -32.97
N ALA A 760 -12.88 -8.23 -31.65
CA ALA A 760 -14.05 -8.82 -30.99
C ALA A 760 -15.23 -7.86 -30.90
N ARG A 761 -15.02 -6.57 -31.15
CA ARG A 761 -16.11 -5.61 -31.19
C ARG A 761 -16.64 -5.43 -32.61
N MET A 762 -15.79 -5.59 -33.63
CA MET A 762 -16.26 -5.54 -35.00
C MET A 762 -17.06 -6.79 -35.36
N LYS A 763 -16.79 -7.91 -34.68
CA LYS A 763 -17.59 -9.12 -34.91
C LYS A 763 -18.99 -8.97 -34.32
N ILE A 764 -19.08 -8.52 -33.07
CA ILE A 764 -20.35 -8.34 -32.39
C ILE A 764 -20.40 -6.92 -31.84
N GLY A 765 -21.30 -6.10 -32.38
CA GLY A 765 -21.59 -4.82 -31.78
C GLY A 765 -22.60 -5.00 -30.67
N ASN A 766 -22.15 -4.92 -29.42
CA ASN A 766 -22.99 -5.28 -28.29
C ASN A 766 -23.93 -4.14 -27.91
N ILE A 767 -25.06 -4.52 -27.33
CA ILE A 767 -26.10 -3.58 -26.92
C ILE A 767 -25.99 -3.41 -25.40
N ALA A 768 -26.37 -2.23 -24.90
CA ALA A 768 -26.17 -1.85 -23.51
C ALA A 768 -26.94 -2.71 -22.51
N GLY A 769 -27.91 -3.50 -22.95
CA GLY A 769 -28.56 -4.45 -22.07
C GLY A 769 -27.68 -5.64 -21.69
N TYR A 770 -26.64 -5.91 -22.49
CA TYR A 770 -25.74 -7.03 -22.24
C TYR A 770 -24.40 -6.63 -21.65
N ILE A 771 -24.05 -5.34 -21.67
CA ILE A 771 -22.71 -4.91 -21.27
C ILE A 771 -22.53 -5.04 -19.76
N ASN A 772 -23.58 -4.72 -18.98
CA ASN A 772 -23.49 -4.87 -17.54
C ASN A 772 -23.48 -6.33 -17.10
N ALA A 773 -23.87 -7.25 -17.98
CA ALA A 773 -23.73 -8.68 -17.70
C ALA A 773 -22.38 -9.22 -18.15
N ARG A 774 -21.75 -8.61 -19.14
CA ARG A 774 -20.40 -8.99 -19.51
C ARG A 774 -19.40 -8.60 -18.43
N ILE A 775 -19.58 -7.42 -17.83
CA ILE A 775 -18.63 -6.90 -16.87
C ILE A 775 -18.71 -7.66 -15.56
N THR A 776 -19.92 -8.07 -15.17
CA THR A 776 -20.12 -8.90 -13.97
C THR A 776 -19.37 -10.22 -14.09
N ARG A 777 -19.43 -10.85 -15.27
CA ARG A 777 -18.70 -12.09 -15.50
C ARG A 777 -17.18 -11.88 -15.53
N CYS A 778 -16.72 -10.72 -15.99
CA CYS A 778 -15.28 -10.48 -16.07
C CYS A 778 -14.64 -10.28 -14.69
N PHE A 779 -15.43 -9.94 -13.68
CA PHE A 779 -14.92 -9.84 -12.32
C PHE A 779 -15.12 -11.09 -11.49
N ILE A 780 -15.95 -12.04 -11.96
CA ILE A 780 -16.01 -13.34 -11.32
C ILE A 780 -14.73 -14.13 -11.61
N SER A 781 -14.25 -14.08 -12.85
CA SER A 781 -13.07 -14.83 -13.23
C SER A 781 -11.79 -14.24 -12.66
N GLY A 782 -11.81 -12.97 -12.24
CA GLY A 782 -10.64 -12.35 -11.67
C GLY A 782 -10.63 -12.42 -10.15
N PHE A 783 -11.81 -12.48 -9.55
CA PHE A 783 -11.96 -12.55 -8.09
C PHE A 783 -12.94 -13.65 -7.72
N PRO A 784 -12.57 -14.93 -7.90
CA PRO A 784 -13.54 -16.00 -7.65
C PRO A 784 -13.74 -16.33 -6.18
N MET A 785 -12.76 -16.04 -5.31
CA MET A 785 -12.89 -16.31 -3.90
C MET A 785 -13.67 -15.25 -3.15
N ASN A 786 -13.90 -14.08 -3.74
CA ASN A 786 -14.62 -13.00 -3.07
C ASN A 786 -16.11 -13.03 -3.40
N ILE A 787 -16.74 -14.20 -3.31
CA ILE A 787 -18.16 -14.34 -3.60
C ILE A 787 -18.85 -14.70 -2.30
N VAL A 788 -19.91 -13.96 -1.97
CA VAL A 788 -20.54 -14.01 -0.66
C VAL A 788 -22.01 -14.37 -0.86
N GLN A 789 -22.46 -15.41 -0.16
CA GLN A 789 -23.81 -15.93 -0.32
C GLN A 789 -24.70 -15.43 0.82
N LEU A 790 -25.94 -15.08 0.47
CA LEU A 790 -26.95 -14.68 1.44
C LEU A 790 -27.40 -15.90 2.23
N GLY A 791 -26.89 -16.05 3.45
CA GLY A 791 -27.27 -17.14 4.30
C GLY A 791 -28.51 -16.82 5.11
N PRO A 792 -28.88 -17.71 6.03
CA PRO A 792 -30.05 -17.43 6.89
C PRO A 792 -29.80 -16.33 7.90
N THR A 793 -28.56 -16.15 8.35
CA THR A 793 -28.23 -15.08 9.28
C THR A 793 -27.87 -13.78 8.58
N GLY A 794 -27.16 -13.88 7.46
CA GLY A 794 -26.81 -12.71 6.70
C GLY A 794 -25.93 -13.09 5.53
N TYR A 795 -25.24 -12.11 4.98
CA TYR A 795 -24.20 -12.40 4.00
C TYR A 795 -23.07 -13.17 4.65
N GLN A 796 -22.60 -14.21 3.98
CA GLN A 796 -21.65 -15.15 4.55
C GLN A 796 -20.66 -15.56 3.48
N THR A 797 -19.37 -15.60 3.85
CA THR A 797 -18.33 -15.91 2.90
C THR A 797 -18.42 -17.37 2.46
N MET A 798 -18.43 -17.58 1.16
CA MET A 798 -18.70 -18.88 0.56
C MET A 798 -17.40 -19.45 0.00
N GLY A 799 -16.98 -20.59 0.55
CA GLY A 799 -15.74 -21.22 0.11
C GLY A 799 -15.64 -22.62 0.68
N ARG A 800 -14.70 -23.38 0.11
CA ARG A 800 -14.50 -24.77 0.52
C ARG A 800 -13.59 -24.90 1.73
N SER A 801 -12.82 -23.86 2.06
CA SER A 801 -11.88 -23.96 3.18
C SER A 801 -12.61 -23.82 4.51
N SER A 802 -13.24 -22.68 4.75
CA SER A 802 -13.95 -22.41 5.99
C SER A 802 -15.43 -22.17 5.70
N GLY A 803 -16.23 -22.19 6.77
CA GLY A 803 -17.66 -22.05 6.61
C GLY A 803 -18.08 -20.65 6.20
N GLY A 804 -17.65 -19.65 6.95
CA GLY A 804 -18.02 -18.28 6.63
C GLY A 804 -17.58 -17.33 7.72
N LEU A 805 -17.77 -16.04 7.45
CA LEU A 805 -17.37 -14.99 8.38
C LEU A 805 -18.52 -14.09 8.80
N ASN A 806 -19.74 -14.31 8.27
CA ASN A 806 -20.96 -13.57 8.61
C ASN A 806 -20.80 -12.07 8.37
N VAL A 807 -20.40 -11.74 7.15
CA VAL A 807 -19.99 -10.38 6.80
C VAL A 807 -21.23 -9.52 6.55
N SER A 808 -21.14 -8.23 6.87
CA SER A 808 -22.17 -7.26 6.54
C SER A 808 -21.65 -6.29 5.48
N VAL A 809 -22.54 -5.44 4.99
CA VAL A 809 -22.19 -4.48 3.95
C VAL A 809 -21.81 -3.16 4.61
N HIS A 810 -20.72 -2.55 4.14
CA HIS A 810 -20.32 -1.24 4.62
C HIS A 810 -21.35 -0.21 4.17
N PRO A 811 -21.81 0.68 5.06
CA PRO A 811 -22.79 1.70 4.66
C PRO A 811 -22.29 2.73 3.65
N THR A 812 -20.99 2.82 3.39
CA THR A 812 -20.53 3.69 2.31
C THR A 812 -20.84 3.12 0.94
N SER A 813 -21.02 1.80 0.82
CA SER A 813 -21.30 1.18 -0.45
C SER A 813 -22.74 1.42 -0.89
N ILE A 814 -22.94 1.41 -2.22
CA ILE A 814 -24.26 1.72 -2.79
C ILE A 814 -25.24 0.57 -2.64
N LEU A 815 -24.77 -0.63 -2.30
CA LEU A 815 -25.67 -1.75 -2.09
C LEU A 815 -26.36 -1.69 -0.73
N PHE A 816 -25.79 -0.95 0.23
CA PHE A 816 -26.49 -0.70 1.48
C PHE A 816 -27.62 0.30 1.30
N VAL A 817 -27.46 1.23 0.35
CA VAL A 817 -28.48 2.25 0.10
C VAL A 817 -29.73 1.62 -0.49
N ASN A 818 -29.56 0.62 -1.36
CA ASN A 818 -30.70 -0.03 -2.00
C ASN A 818 -31.52 -0.92 -1.07
N HIS A 819 -31.04 -1.18 0.14
CA HIS A 819 -31.84 -1.90 1.12
C HIS A 819 -32.66 -0.97 2.01
N LYS A 820 -32.14 0.23 2.30
CA LYS A 820 -32.86 1.18 3.14
C LYS A 820 -33.75 2.10 2.31
N GLU A 821 -33.21 2.70 1.26
CA GLU A 821 -33.98 3.61 0.43
C GLU A 821 -34.98 2.88 -0.46
N LYS A 822 -34.65 1.66 -0.89
CA LYS A 822 -35.49 0.90 -1.80
C LYS A 822 -35.98 -0.37 -1.11
N ALA A 823 -37.08 -0.91 -1.63
CA ALA A 823 -37.68 -2.13 -1.13
C ALA A 823 -37.24 -3.37 -1.90
N GLN A 824 -36.13 -3.28 -2.65
CA GLN A 824 -35.64 -4.42 -3.41
C GLN A 824 -35.09 -5.50 -2.48
N ARG A 825 -35.31 -6.75 -2.85
CA ARG A 825 -34.85 -7.87 -2.06
C ARG A 825 -33.32 -7.96 -2.08
N PRO A 826 -32.70 -8.50 -1.03
CA PRO A 826 -31.25 -8.63 -1.04
C PRO A 826 -30.77 -9.65 -2.06
N SER A 827 -29.67 -9.32 -2.74
CA SER A 827 -29.10 -10.20 -3.75
C SER A 827 -28.54 -11.46 -3.11
N LYS A 828 -28.44 -12.51 -3.92
CA LYS A 828 -27.99 -13.80 -3.41
C LYS A 828 -26.48 -13.94 -3.45
N TYR A 829 -25.81 -13.30 -4.42
CA TYR A 829 -24.36 -13.37 -4.55
C TYR A 829 -23.81 -11.97 -4.73
N VAL A 830 -22.85 -11.60 -3.89
CA VAL A 830 -22.24 -10.28 -3.91
C VAL A 830 -20.74 -10.44 -3.99
N LEU A 831 -20.11 -9.73 -4.92
CA LEU A 831 -18.67 -9.78 -5.14
C LEU A 831 -18.02 -8.51 -4.60
N TYR A 832 -17.12 -8.66 -3.63
CA TYR A 832 -16.45 -7.51 -3.04
C TYR A 832 -15.04 -7.37 -3.57
N GLN A 833 -14.48 -6.18 -3.36
CA GLN A 833 -13.09 -5.91 -3.67
C GLN A 833 -12.21 -5.79 -2.44
N GLN A 834 -12.80 -5.54 -1.27
CA GLN A 834 -12.03 -5.27 -0.07
C GLN A 834 -12.84 -5.63 1.17
N LEU A 835 -12.19 -6.31 2.11
CA LEU A 835 -12.78 -6.71 3.37
C LEU A 835 -12.09 -5.96 4.50
N MET A 836 -12.86 -5.58 5.52
CA MET A 836 -12.29 -4.87 6.66
C MET A 836 -13.10 -5.15 7.91
N LEU A 837 -12.44 -5.08 9.06
CA LEU A 837 -13.00 -5.47 10.35
C LEU A 837 -12.82 -4.33 11.35
N THR A 838 -13.87 -3.54 11.57
CA THR A 838 -13.90 -2.63 12.71
C THR A 838 -14.84 -3.15 13.80
N SER A 839 -16.14 -3.13 13.59
CA SER A 839 -17.05 -3.69 14.57
C SER A 839 -17.45 -5.10 14.23
N LYS A 840 -17.51 -5.37 12.93
CA LYS A 840 -17.69 -6.68 12.34
C LYS A 840 -17.10 -6.59 10.94
N GLU A 841 -17.24 -7.66 10.17
CA GLU A 841 -16.63 -7.66 8.85
C GLU A 841 -17.51 -6.88 7.87
N PHE A 842 -16.88 -6.00 7.08
CA PHE A 842 -17.63 -5.14 6.17
C PHE A 842 -17.14 -5.29 4.74
N ILE A 843 -18.08 -5.54 3.84
CA ILE A 843 -17.83 -5.60 2.40
C ILE A 843 -17.81 -4.19 1.84
N ARG A 844 -16.77 -3.88 1.08
CA ARG A 844 -16.71 -2.64 0.30
C ARG A 844 -16.61 -2.99 -1.18
N ASP A 845 -17.05 -2.03 -2.01
CA ASP A 845 -17.00 -2.08 -3.48
C ASP A 845 -17.76 -3.30 -4.00
N CYS A 846 -19.08 -3.26 -3.78
CA CYS A 846 -19.95 -4.38 -4.05
C CYS A 846 -20.11 -4.62 -5.55
N LEU A 847 -20.70 -5.77 -5.88
CA LEU A 847 -21.01 -6.16 -7.25
C LEU A 847 -22.09 -7.22 -7.18
N VAL A 848 -23.20 -7.00 -7.87
CA VAL A 848 -24.37 -7.86 -7.74
C VAL A 848 -24.33 -8.94 -8.81
N ILE A 849 -24.42 -10.20 -8.38
CA ILE A 849 -24.48 -11.35 -9.27
C ILE A 849 -25.83 -12.02 -9.08
N PRO A 850 -26.80 -11.78 -9.97
CA PRO A 850 -28.15 -12.31 -9.76
C PRO A 850 -28.35 -13.76 -10.17
N LYS A 851 -27.37 -14.39 -10.83
CA LYS A 851 -27.55 -15.71 -11.40
C LYS A 851 -26.43 -16.64 -10.96
N GLU A 852 -26.79 -17.86 -10.58
CA GLU A 852 -25.79 -18.89 -10.31
C GLU A 852 -25.09 -19.34 -11.59
N GLU A 853 -25.77 -19.23 -12.74
CA GLU A 853 -25.22 -19.70 -14.00
C GLU A 853 -24.04 -18.87 -14.47
N TRP A 854 -23.96 -17.60 -14.05
CA TRP A 854 -22.80 -16.79 -14.37
C TRP A 854 -21.58 -17.18 -13.55
N LEU A 855 -21.80 -17.88 -12.44
CA LEU A 855 -20.77 -18.18 -11.46
C LEU A 855 -20.05 -19.49 -11.77
N ILE A 856 -20.78 -20.50 -12.24
CA ILE A 856 -20.18 -21.77 -12.60
C ILE A 856 -19.50 -21.68 -13.97
N ASP A 857 -20.11 -20.97 -14.92
CA ASP A 857 -19.64 -20.95 -16.29
C ASP A 857 -18.37 -20.13 -16.49
N MET A 858 -17.91 -19.40 -15.48
CA MET A 858 -16.67 -18.64 -15.58
C MET A 858 -15.50 -19.32 -14.89
N VAL A 859 -15.67 -19.75 -13.65
CA VAL A 859 -14.66 -20.53 -12.94
C VAL A 859 -15.29 -21.81 -12.42
N PRO A 860 -15.35 -22.87 -13.24
CA PRO A 860 -16.01 -24.10 -12.79
C PRO A 860 -15.18 -24.93 -11.84
N GLN A 861 -13.87 -24.67 -11.73
CA GLN A 861 -13.02 -25.44 -10.85
C GLN A 861 -13.30 -25.19 -9.38
N ILE A 862 -13.94 -24.08 -9.03
CA ILE A 862 -14.38 -23.86 -7.67
C ILE A 862 -15.85 -24.25 -7.52
N PHE A 863 -16.71 -23.59 -8.29
CA PHE A 863 -18.13 -23.53 -7.99
C PHE A 863 -18.93 -24.73 -8.51
N LYS A 864 -18.27 -25.79 -8.97
CA LYS A 864 -19.03 -26.96 -9.38
C LYS A 864 -19.50 -27.76 -8.17
N ASP A 865 -18.63 -27.91 -7.16
CA ASP A 865 -19.02 -28.64 -5.95
C ASP A 865 -19.78 -27.76 -4.98
N LEU A 866 -19.48 -26.47 -4.93
CA LEU A 866 -20.12 -25.57 -3.98
C LEU A 866 -21.57 -25.32 -4.33
N ILE A 867 -21.86 -25.01 -5.59
CA ILE A 867 -23.21 -24.70 -6.01
C ILE A 867 -24.01 -25.98 -6.21
N LYS B 69 -2.95 -39.31 -5.16
CA LYS B 69 -2.64 -39.81 -3.83
C LYS B 69 -1.23 -39.43 -3.42
N LYS B 70 -0.26 -39.81 -4.26
CA LYS B 70 1.16 -39.51 -4.04
C LYS B 70 1.71 -39.02 -5.37
N LEU B 71 1.65 -37.70 -5.58
CA LEU B 71 2.05 -37.10 -6.85
C LEU B 71 3.05 -35.98 -6.57
N VAL B 72 4.01 -35.84 -7.49
CA VAL B 72 5.06 -34.84 -7.39
C VAL B 72 5.06 -34.02 -8.68
N ILE B 73 4.85 -32.71 -8.55
CA ILE B 73 4.95 -31.79 -9.68
C ILE B 73 6.34 -31.16 -9.66
N LYS B 74 7.12 -31.43 -10.70
CA LYS B 74 8.45 -30.86 -10.84
C LYS B 74 8.39 -29.58 -11.67
N LEU B 75 9.35 -28.69 -11.44
CA LEU B 75 9.39 -27.39 -12.07
C LEU B 75 10.48 -27.33 -13.12
N SER B 76 10.47 -26.25 -13.90
CA SER B 76 11.47 -26.01 -14.94
C SER B 76 12.71 -25.42 -14.28
N GLU B 77 13.55 -26.32 -13.77
CA GLU B 77 14.79 -25.95 -13.08
C GLU B 77 15.94 -26.14 -14.06
N ASN B 78 16.30 -25.07 -14.76
CA ASN B 78 17.36 -25.11 -15.76
C ASN B 78 18.71 -24.76 -15.15
N PRO B 87 5.23 -23.92 -27.44
CA PRO B 87 6.20 -23.17 -26.65
C PRO B 87 5.59 -22.55 -25.40
N LEU B 88 4.25 -22.54 -25.35
CA LEU B 88 3.52 -21.86 -24.29
C LEU B 88 2.18 -22.54 -24.08
N VAL B 89 1.54 -22.21 -22.97
CA VAL B 89 0.16 -22.60 -22.70
C VAL B 89 -0.68 -21.33 -22.77
N GLU B 90 -1.44 -21.20 -23.86
CA GLU B 90 -2.32 -20.04 -24.01
C GLU B 90 -3.49 -20.12 -23.03
N TYR B 91 -4.08 -21.30 -22.91
CA TYR B 91 -5.31 -21.49 -22.14
C TYR B 91 -5.21 -22.79 -21.36
N VAL B 92 -5.76 -22.79 -20.14
CA VAL B 92 -5.87 -23.99 -19.35
C VAL B 92 -7.20 -24.67 -19.67
N THR B 93 -7.16 -25.98 -19.84
CA THR B 93 -8.32 -26.75 -20.28
C THR B 93 -9.17 -27.13 -19.08
N GLU B 94 -10.49 -27.23 -19.28
CA GLU B 94 -11.35 -27.80 -18.24
C GLU B 94 -11.11 -29.29 -18.07
N LYS B 95 -10.57 -29.97 -19.08
CA LYS B 95 -10.07 -31.33 -18.89
C LYS B 95 -8.86 -31.33 -17.96
N GLU B 96 -8.04 -30.28 -18.02
CA GLU B 96 -6.82 -30.20 -17.23
C GLU B 96 -7.12 -29.94 -15.76
N TYR B 97 -8.24 -29.28 -15.45
CA TYR B 97 -8.64 -29.05 -14.08
C TYR B 97 -9.36 -30.24 -13.45
N ASN B 98 -9.76 -31.24 -14.25
CA ASN B 98 -10.32 -32.46 -13.70
C ASN B 98 -9.27 -33.54 -13.49
N GLU B 99 -8.12 -33.44 -14.15
CA GLU B 99 -7.02 -34.37 -13.91
C GLU B 99 -6.24 -33.98 -12.67
N VAL B 100 -5.69 -32.77 -12.66
CA VAL B 100 -5.02 -32.23 -11.47
C VAL B 100 -5.89 -31.09 -10.94
N PRO B 101 -6.66 -31.30 -9.87
CA PRO B 101 -7.55 -30.25 -9.36
C PRO B 101 -6.81 -29.13 -8.63
N VAL B 102 -7.57 -28.22 -8.05
CA VAL B 102 -6.97 -27.07 -7.36
C VAL B 102 -6.30 -27.52 -6.05
N GLU B 103 -7.01 -28.34 -5.27
CA GLU B 103 -6.49 -28.80 -3.98
C GLU B 103 -5.29 -29.71 -4.14
N GLU B 104 -5.24 -30.49 -5.22
CA GLU B 104 -4.09 -31.36 -5.45
C GLU B 104 -2.88 -30.56 -5.91
N PHE B 105 -3.09 -29.40 -6.50
CA PHE B 105 -1.97 -28.59 -6.97
C PHE B 105 -1.22 -27.94 -5.82
N GLY B 106 -1.91 -27.65 -4.71
CA GLY B 106 -1.24 -27.04 -3.57
C GLY B 106 -0.27 -27.98 -2.88
N ASP B 107 -0.65 -29.25 -2.76
CA ASP B 107 0.22 -30.23 -2.12
C ASP B 107 1.37 -30.62 -3.05
N ALA B 108 1.03 -31.06 -4.27
CA ALA B 108 2.00 -31.68 -5.17
C ALA B 108 3.02 -30.70 -5.75
N LEU B 109 2.79 -29.39 -5.65
CA LEU B 109 3.79 -28.44 -6.14
C LEU B 109 4.96 -28.36 -5.16
N LEU B 110 4.67 -28.44 -3.86
CA LEU B 110 5.70 -28.38 -2.83
C LEU B 110 6.50 -29.67 -2.72
N ARG B 111 6.00 -30.76 -3.32
CA ARG B 111 6.74 -32.01 -3.35
C ARG B 111 7.97 -31.94 -4.24
N GLY B 112 8.00 -31.00 -5.19
CA GLY B 112 9.20 -30.75 -5.96
C GLY B 112 10.31 -30.14 -5.14
N MET B 113 9.95 -29.43 -4.07
CA MET B 113 10.94 -28.89 -3.13
C MET B 113 11.24 -29.84 -1.99
N GLY B 114 10.38 -30.83 -1.75
CA GLY B 114 10.59 -31.79 -0.69
C GLY B 114 10.01 -31.35 0.65
N TRP B 115 8.75 -30.92 0.64
CA TRP B 115 8.09 -30.59 1.89
C TRP B 115 7.72 -31.84 2.68
N GLU B 116 7.48 -32.95 1.98
CA GLU B 116 7.09 -34.22 2.60
C GLU B 116 8.18 -34.81 3.48
N GLN B 140 -8.09 -9.31 16.32
CA GLN B 140 -9.41 -9.39 16.92
C GLN B 140 -10.26 -8.19 16.53
N ILE B 141 -11.42 -8.06 17.18
CA ILE B 141 -12.40 -7.04 16.84
C ILE B 141 -12.07 -5.76 17.59
N HIS B 142 -11.73 -4.70 16.85
CA HIS B 142 -11.46 -3.38 17.39
C HIS B 142 -12.57 -2.43 16.95
N PRO B 143 -13.62 -2.29 17.77
CA PRO B 143 -14.80 -1.45 17.51
C PRO B 143 -14.47 -0.12 16.84
N ASP B 144 -13.21 0.30 16.99
CA ASP B 144 -12.60 1.53 16.44
C ASP B 144 -12.95 2.83 17.17
N GLY B 145 -13.71 2.71 18.25
CA GLY B 145 -14.09 3.83 19.08
C GLY B 145 -13.44 3.72 20.45
N LEU B 146 -12.59 2.70 20.62
CA LEU B 146 -11.93 2.47 21.89
C LEU B 146 -10.43 2.70 21.82
N GLY B 147 -9.75 2.25 22.87
CA GLY B 147 -8.33 2.41 22.98
C GLY B 147 -7.60 1.08 23.14
N ILE B 148 -6.39 1.14 23.68
CA ILE B 148 -5.60 -0.07 23.90
C ILE B 148 -6.22 -0.90 25.01
N GLY B 149 -6.31 -0.33 26.21
CA GLY B 149 -7.15 -0.91 27.24
C GLY B 149 -8.56 -0.39 27.04
N ALA B 150 -9.53 -1.31 27.06
CA ALA B 150 -10.92 -0.95 26.85
C ALA B 150 -11.81 -2.05 27.42
N LYS B 151 -13.08 -1.73 27.56
CA LYS B 151 -14.08 -2.69 28.03
C LYS B 151 -15.47 -2.27 27.58
N PHE B 163 -19.31 15.73 20.21
CA PHE B 163 -18.22 16.11 21.09
C PHE B 163 -17.81 17.56 20.88
N MET B 164 -18.07 18.39 21.88
CA MET B 164 -17.61 19.78 21.88
C MET B 164 -17.04 20.13 23.25
N PRO B 165 -15.71 20.33 23.35
CA PRO B 165 -15.10 20.75 24.63
C PRO B 165 -15.15 22.26 24.86
N VAL B 166 -16.34 22.85 24.68
CA VAL B 166 -16.59 24.25 24.96
C VAL B 166 -17.72 24.31 25.99
N VAL B 167 -17.54 25.12 27.03
CA VAL B 167 -18.43 25.06 28.20
C VAL B 167 -19.80 25.64 27.88
N LYS B 168 -19.85 26.66 27.00
CA LYS B 168 -21.08 27.36 26.58
C LYS B 168 -21.93 27.89 27.74
#